data_1MJE
#
_entry.id   1MJE
#
_cell.length_a   198.866
_cell.length_b   198.866
_cell.length_c   200.047
_cell.angle_alpha   90
_cell.angle_beta   90
_cell.angle_gamma   90
#
_symmetry.space_group_name_H-M   'I 4 2 2'
#
loop_
_entity.id
_entity.type
_entity.pdbx_description
1 polymer "5'-D(P*TP*TP*TP*TP*TP*T)-3'"
2 polymer 'Deleted in split hand/split foot protein 1'
3 polymer 'breast cancer 2'
#
loop_
_entity_poly.entity_id
_entity_poly.type
_entity_poly.pdbx_seq_one_letter_code
_entity_poly.pdbx_strand_id
1 'polydeoxyribonucleotide' (DT)(DT)(DT)(DT)(DT)(DT) C
2 'polypeptide(L)' MSEKKQPVDLGLLEEDDEFEEFPAEDWAGLDEDEDAHVWEDNWDDDNVEDDFSNQLRAELEKHGYKMETS B
3 'polypeptide(L)'
;NQKSTDGDREDGNDSHVRQFNKDLMSSLQSARDLQDMRIKNKERRHLRLQPGSLYLTKSSTLPRISLQAAVGDRAPSACS
PKQLYIYGVSKECINVNSKNAEYFQFDIQDHFGKEDLCAGKGFQLADGGWLIPSNDGKAGKEEFYRALCDTPGVDPKLIS
SIWVANHYRWIVWKLAAMEFAFPKEFANRCLNPERVLLQLKYRYDVEIDNSRRSALKKILERDDTAAKTLVLCISDIISP
STKVSETSGGKTSGEDANKVDTIELTDGWYAVRAQLDPPLMALVKSGKLTVGQKIITQGAELVGSPDACAPLEAPDSLRL
KISANSTRPARWHSRLGFFRDPRPFPLPLSSLFSDGGNVGCVDIIVQRVYPLQWVEKTVSGLYIFRSEREEEKEALRFAE
AQQKKLEALFTKVHTEGLSRDVTTVWKLRVTSYKKKEKSALLSIWRPSSDLSSLLTEGKRYRIYHLAVSKSKSKFERPSI
QLTATKRTQYQQLPVSSETLLQVYQPRESLHFSRLSDPAFQPPCSEVDVVGVVVSVVKPIGLAPLVYLSDECLNLLVVKF
GIDLNEDIKPRVLIAASNLQCQPESTSGVPTLFACHFSIFSASPKEAYFQEKVNNLKHAIENIDTFYKEAEKKLIHVLEG
DSPKWSTPN
;
A
#
loop_
_chem_comp.id
_chem_comp.type
_chem_comp.name
_chem_comp.formula
DT DNA linking THYMIDINE-5'-MONOPHOSPHATE 'C10 H15 N2 O8 P'
#
# COMPACT_ATOMS: atom_id res chain seq x y z
N PRO B 7 -34.81 -13.40 19.80
CA PRO B 7 -33.90 -12.35 19.36
C PRO B 7 -32.64 -12.95 18.72
N VAL B 8 -31.75 -12.05 18.28
CA VAL B 8 -30.48 -12.39 17.64
C VAL B 8 -29.71 -13.56 18.24
N ASP B 9 -29.56 -14.66 17.50
CA ASP B 9 -28.79 -15.80 18.02
C ASP B 9 -27.38 -15.29 18.28
N LEU B 10 -26.61 -16.03 19.07
CA LEU B 10 -25.25 -15.62 19.40
C LEU B 10 -24.23 -16.73 19.18
N GLY B 11 -24.53 -17.65 18.29
CA GLY B 11 -23.60 -18.75 18.07
C GLY B 11 -23.56 -19.17 16.62
N LEU B 12 -24.54 -18.69 15.86
CA LEU B 12 -24.65 -18.95 14.42
C LEU B 12 -24.13 -17.69 13.73
N LEU B 13 -23.99 -16.66 14.55
CA LEU B 13 -23.47 -15.38 14.18
C LEU B 13 -22.07 -15.69 13.75
N GLU B 14 -21.69 -15.22 12.58
CA GLU B 14 -20.34 -15.47 12.10
C GLU B 14 -19.40 -14.45 12.73
N GLU B 15 -18.67 -14.91 13.74
CA GLU B 15 -17.72 -14.06 14.44
C GLU B 15 -16.80 -13.47 13.38
N ASP B 16 -16.39 -12.22 13.59
CA ASP B 16 -15.45 -11.55 12.70
C ASP B 16 -14.09 -12.15 13.00
N ASP B 17 -13.95 -13.46 12.81
CA ASP B 17 -12.69 -14.10 13.11
C ASP B 17 -12.71 -15.62 12.89
N GLU B 18 -13.88 -16.22 12.95
CA GLU B 18 -13.89 -17.65 12.71
C GLU B 18 -13.49 -17.74 11.25
N PHE B 19 -12.35 -18.38 11.03
CA PHE B 19 -11.80 -18.53 9.69
C PHE B 19 -12.03 -19.90 9.09
N GLU B 20 -11.81 -20.01 7.79
CA GLU B 20 -11.95 -21.26 7.05
C GLU B 20 -10.53 -21.78 6.77
N GLU B 21 -10.36 -23.11 6.78
CA GLU B 21 -9.05 -23.75 6.55
C GLU B 21 -8.15 -22.93 5.60
N PHE B 22 -8.45 -22.98 4.30
CA PHE B 22 -7.72 -22.20 3.31
C PHE B 22 -8.75 -21.37 2.52
N PRO B 23 -8.57 -20.04 2.45
CA PRO B 23 -9.42 -19.04 1.77
C PRO B 23 -10.41 -19.51 0.71
N ALA B 24 -10.11 -20.64 0.06
CA ALA B 24 -10.97 -21.22 -0.97
C ALA B 24 -11.65 -22.52 -0.50
N GLU B 25 -12.73 -22.41 0.28
CA GLU B 25 -13.47 -23.59 0.78
C GLU B 25 -14.99 -23.39 0.71
N HIS B 37 -12.84 -1.81 -2.79
CA HIS B 37 -13.85 -1.72 -1.73
C HIS B 37 -13.29 -1.87 -0.33
N VAL B 38 -13.20 -3.12 0.12
CA VAL B 38 -12.72 -3.54 1.46
C VAL B 38 -11.74 -2.69 2.23
N TRP B 39 -10.89 -1.97 1.50
CA TRP B 39 -9.83 -1.13 2.04
C TRP B 39 -10.05 0.29 1.65
N GLU B 40 -9.78 1.21 2.55
CA GLU B 40 -9.99 2.60 2.23
C GLU B 40 -8.89 3.05 1.29
N ASP B 41 -9.26 3.65 0.15
CA ASP B 41 -8.29 4.16 -0.84
C ASP B 41 -7.14 4.96 -0.19
N ASN B 42 -7.33 6.27 -0.15
CA ASN B 42 -6.34 7.19 0.43
C ASN B 42 -6.25 6.93 1.89
N TRP B 43 -5.04 6.83 2.43
CA TRP B 43 -4.89 6.67 3.85
C TRP B 43 -5.52 7.96 4.40
N ASP B 44 -4.83 8.68 5.29
CA ASP B 44 -5.41 9.92 5.83
C ASP B 44 -6.31 10.75 4.86
N ASP B 45 -7.46 11.17 5.38
CA ASP B 45 -8.45 11.97 4.66
C ASP B 45 -9.70 12.19 5.50
N ASP B 50 -17.30 5.95 6.98
CA ASP B 50 -18.37 5.40 7.83
C ASP B 50 -18.00 4.03 8.45
N ASP B 51 -17.95 2.99 7.62
CA ASP B 51 -17.59 1.63 8.07
C ASP B 51 -16.10 1.55 8.39
N PHE B 52 -15.36 2.58 8.03
CA PHE B 52 -13.95 2.60 8.28
C PHE B 52 -13.67 3.29 9.60
N SER B 53 -14.25 4.47 9.75
CA SER B 53 -14.07 5.28 10.95
C SER B 53 -14.41 4.64 12.32
N ASN B 54 -15.44 3.77 12.37
CA ASN B 54 -15.87 3.15 13.62
C ASN B 54 -15.53 1.69 13.78
N GLN B 55 -14.39 1.39 14.37
CA GLN B 55 -14.01 0.00 14.58
C GLN B 55 -14.64 -0.46 15.87
N LEU B 56 -15.26 -1.63 15.89
CA LEU B 56 -15.91 -2.08 17.12
C LEU B 56 -14.90 -2.14 18.27
N ARG B 57 -14.05 -3.15 18.19
CA ARG B 57 -13.05 -3.41 19.19
C ARG B 57 -12.37 -2.18 19.75
N ALA B 58 -12.35 -1.10 18.96
CA ALA B 58 -11.69 0.14 19.37
C ALA B 58 -12.65 1.12 20.00
N GLU B 59 -13.92 1.04 19.66
CA GLU B 59 -14.89 1.94 20.25
C GLU B 59 -14.75 1.76 21.76
N LEU B 60 -14.31 0.58 22.13
CA LEU B 60 -14.14 0.24 23.53
C LEU B 60 -13.14 1.17 24.23
N GLU B 61 -11.92 1.26 23.71
CA GLU B 61 -10.91 2.12 24.34
C GLU B 61 -11.37 3.57 24.43
N LYS B 62 -12.36 3.93 23.63
CA LYS B 62 -12.89 5.29 23.67
C LYS B 62 -14.12 5.28 24.59
N HIS B 63 -13.87 5.19 25.89
CA HIS B 63 -14.96 5.17 26.85
C HIS B 63 -14.55 4.49 28.15
N LYS C 22 -20.27 -15.92 47.47
CA LYS C 22 -19.16 -16.01 48.47
C LYS C 22 -18.83 -17.49 48.77
N ASP C 23 -19.41 -18.03 49.86
CA ASP C 23 -19.24 -19.42 50.37
C ASP C 23 -18.14 -19.50 51.45
N LEU C 24 -17.61 -20.70 51.71
CA LEU C 24 -16.55 -20.88 52.71
C LEU C 24 -15.44 -21.76 52.15
N MET C 25 -14.21 -21.38 52.45
CA MET C 25 -13.00 -22.10 52.00
C MET C 25 -13.04 -23.59 52.33
N SER C 26 -13.96 -23.98 53.21
CA SER C 26 -14.13 -25.37 53.62
C SER C 26 -14.41 -26.23 52.40
N SER C 27 -15.66 -26.15 51.94
CA SER C 27 -16.13 -26.90 50.79
C SER C 27 -15.58 -26.37 49.45
N LEU C 28 -14.27 -26.05 49.43
CA LEU C 28 -13.62 -25.56 48.20
C LEU C 28 -12.58 -26.55 47.67
N GLN C 29 -11.61 -26.90 48.50
CA GLN C 29 -10.61 -27.86 48.07
C GLN C 29 -11.37 -29.19 47.94
N SER C 30 -12.68 -29.11 48.21
CA SER C 30 -13.61 -30.25 48.14
C SER C 30 -14.20 -30.33 46.73
N ALA C 31 -13.31 -30.23 45.74
CA ALA C 31 -13.63 -30.28 44.32
C ALA C 31 -12.38 -29.82 43.59
N ARG C 32 -11.52 -29.11 44.32
CA ARG C 32 -10.25 -28.59 43.81
C ARG C 32 -9.26 -29.74 43.85
N ASP C 33 -9.25 -30.45 44.99
CA ASP C 33 -8.38 -31.60 45.21
C ASP C 33 -9.14 -32.83 44.72
N LEU C 34 -10.35 -32.59 44.26
CA LEU C 34 -11.20 -33.64 43.72
C LEU C 34 -11.11 -33.49 42.20
N GLN C 35 -10.86 -32.26 41.76
CA GLN C 35 -10.74 -31.96 40.35
C GLN C 35 -9.50 -32.64 39.78
N ASP C 36 -8.35 -32.38 40.41
CA ASP C 36 -7.06 -32.93 40.00
C ASP C 36 -7.15 -34.44 39.78
N MET C 37 -8.09 -35.07 40.47
CA MET C 37 -8.30 -36.51 40.35
C MET C 37 -8.55 -36.85 38.89
N ARG C 38 -9.61 -36.28 38.32
CA ARG C 38 -9.96 -36.53 36.92
C ARG C 38 -8.80 -36.19 35.98
N ILE C 39 -8.04 -35.16 36.33
CA ILE C 39 -6.89 -34.76 35.53
C ILE C 39 -6.03 -36.01 35.38
N LYS C 40 -5.45 -36.43 36.51
CA LYS C 40 -4.61 -37.63 36.55
C LYS C 40 -5.35 -38.81 35.92
N ASN C 41 -6.18 -39.48 36.72
CA ASN C 41 -6.97 -40.65 36.30
C ASN C 41 -7.40 -40.67 34.83
N LYS C 42 -7.70 -39.50 34.26
CA LYS C 42 -8.10 -39.45 32.86
C LYS C 42 -6.90 -39.25 31.95
N GLU C 43 -5.80 -38.74 32.50
CA GLU C 43 -4.59 -38.54 31.70
C GLU C 43 -3.79 -39.85 31.67
N ARG C 44 -4.31 -40.85 32.39
CA ARG C 44 -3.68 -42.17 32.45
C ARG C 44 -4.20 -43.06 31.32
N ARG C 45 -4.81 -42.41 30.32
CA ARG C 45 -5.38 -43.12 29.17
C ARG C 45 -5.41 -42.21 27.94
N HIS C 46 -6.14 -42.66 26.93
CA HIS C 46 -6.34 -41.92 25.69
C HIS C 46 -7.80 -41.44 25.84
N LEU C 47 -8.06 -40.15 25.65
CA LEU C 47 -9.41 -39.63 25.83
C LEU C 47 -10.38 -39.79 24.67
N ARG C 48 -11.62 -39.37 24.91
CA ARG C 48 -12.68 -39.41 23.90
C ARG C 48 -13.06 -37.96 23.53
N LEU C 49 -12.43 -37.46 22.46
CA LEU C 49 -12.64 -36.11 21.96
C LEU C 49 -14.08 -35.86 21.52
N GLN C 50 -14.82 -35.17 22.37
CA GLN C 50 -16.20 -34.85 22.10
C GLN C 50 -16.37 -33.38 21.68
N PRO C 51 -16.85 -33.15 20.45
CA PRO C 51 -17.05 -31.78 19.95
C PRO C 51 -17.87 -30.96 20.95
N GLY C 52 -17.44 -29.73 21.22
CA GLY C 52 -18.15 -28.87 22.16
C GLY C 52 -19.48 -28.34 21.63
N SER C 53 -20.07 -27.39 22.35
CA SER C 53 -21.34 -26.81 21.92
C SER C 53 -21.14 -26.13 20.58
N LEU C 54 -20.54 -24.94 20.65
CA LEU C 54 -20.27 -24.13 19.48
C LEU C 54 -19.93 -24.95 18.30
N TYR C 55 -18.70 -25.47 18.26
CA TYR C 55 -18.28 -26.25 17.11
C TYR C 55 -19.41 -26.98 16.38
N LEU C 56 -20.28 -27.66 17.12
CA LEU C 56 -21.37 -28.41 16.50
C LEU C 56 -22.43 -27.50 15.92
N THR C 57 -22.85 -26.52 16.70
CA THR C 57 -23.85 -25.58 16.24
C THR C 57 -23.40 -25.11 14.86
N LYS C 58 -22.29 -24.39 14.81
CA LYS C 58 -21.77 -23.87 13.56
C LYS C 58 -21.76 -24.95 12.45
N SER C 59 -21.35 -26.16 12.79
CA SER C 59 -21.27 -27.26 11.83
C SER C 59 -22.63 -27.66 11.25
N SER C 60 -23.69 -27.35 11.98
CA SER C 60 -25.04 -27.67 11.57
C SER C 60 -25.44 -27.09 10.22
N THR C 61 -26.69 -27.39 9.85
CA THR C 61 -27.34 -26.93 8.63
C THR C 61 -28.04 -25.60 8.93
N LEU C 62 -27.97 -25.16 10.18
CA LEU C 62 -28.63 -23.91 10.61
C LEU C 62 -28.22 -22.61 9.97
N PRO C 63 -29.19 -21.86 9.44
CA PRO C 63 -28.91 -20.58 8.81
C PRO C 63 -28.02 -19.70 9.72
N ARG C 64 -27.00 -19.05 9.13
CA ARG C 64 -26.05 -18.21 9.88
C ARG C 64 -26.15 -16.70 9.64
N ILE C 65 -25.57 -15.92 10.56
CA ILE C 65 -25.63 -14.46 10.50
C ILE C 65 -24.33 -13.64 10.41
N SER C 66 -24.40 -12.54 9.66
CA SER C 66 -23.29 -11.63 9.45
C SER C 66 -23.40 -10.42 10.35
N LEU C 67 -22.33 -10.09 11.09
CA LEU C 67 -22.35 -8.94 11.99
C LEU C 67 -23.00 -7.85 11.22
N GLN C 68 -22.69 -7.84 9.94
CA GLN C 68 -23.24 -6.84 9.05
C GLN C 68 -24.74 -6.84 9.21
N ALA C 69 -25.36 -7.95 8.83
CA ALA C 69 -26.79 -8.09 8.90
C ALA C 69 -27.26 -8.12 10.35
N ALA C 70 -26.57 -8.90 11.16
CA ALA C 70 -26.90 -9.04 12.56
C ALA C 70 -26.94 -7.70 13.27
N VAL C 71 -26.76 -6.62 12.56
CA VAL C 71 -26.78 -5.35 13.22
C VAL C 71 -27.57 -4.42 12.33
N GLY C 72 -27.97 -4.95 11.18
CA GLY C 72 -28.75 -4.20 10.23
C GLY C 72 -27.88 -3.18 9.53
N ASP C 73 -26.92 -3.68 8.74
CA ASP C 73 -25.99 -2.84 7.99
C ASP C 73 -25.75 -1.57 8.81
N ARG C 74 -25.62 -1.75 10.12
CA ARG C 74 -25.37 -0.61 10.99
C ARG C 74 -24.01 -0.78 11.62
N ALA C 75 -23.30 0.34 11.80
CA ALA C 75 -21.96 0.33 12.38
C ALA C 75 -21.86 1.26 13.60
N PRO C 76 -21.17 0.80 14.65
CA PRO C 76 -20.85 1.36 15.98
C PRO C 76 -21.25 2.80 16.28
N SER C 77 -22.10 3.00 17.30
CA SER C 77 -22.57 4.34 17.66
C SER C 77 -22.33 4.82 19.11
N ALA C 78 -21.29 4.32 19.76
CA ALA C 78 -21.00 4.75 21.12
C ALA C 78 -19.70 5.55 21.15
N CYS C 79 -19.73 6.74 20.53
CA CYS C 79 -18.55 7.66 20.41
C CYS C 79 -18.01 8.32 21.69
N SER C 80 -17.09 7.63 22.39
CA SER C 80 -16.48 8.11 23.62
C SER C 80 -17.49 8.21 24.79
N PRO C 81 -18.35 7.20 24.89
CA PRO C 81 -19.41 7.08 25.92
C PRO C 81 -20.81 7.59 25.49
N LYS C 82 -21.69 6.66 25.07
CA LYS C 82 -23.06 7.00 24.64
C LYS C 82 -23.96 7.04 25.88
N GLN C 83 -24.72 8.13 26.02
CA GLN C 83 -25.62 8.30 27.16
C GLN C 83 -26.90 7.45 27.12
N LEU C 84 -26.78 6.22 27.63
CA LEU C 84 -27.87 5.26 27.69
C LEU C 84 -27.25 3.94 28.15
N TYR C 85 -26.75 3.95 29.38
CA TYR C 85 -26.09 2.82 29.99
C TYR C 85 -27.16 1.79 30.33
N ILE C 86 -28.40 2.26 30.30
CA ILE C 86 -29.60 1.46 30.55
C ILE C 86 -29.41 -0.01 30.14
N TYR C 87 -29.56 -0.24 28.84
CA TYR C 87 -29.45 -1.55 28.17
C TYR C 87 -28.80 -2.68 28.95
N GLY C 88 -27.75 -2.39 29.72
CA GLY C 88 -27.09 -3.44 30.48
C GLY C 88 -25.66 -3.15 30.92
N VAL C 89 -25.34 -1.86 31.08
CA VAL C 89 -24.02 -1.39 31.51
C VAL C 89 -22.99 -2.51 31.73
N SER C 90 -22.64 -2.73 33.00
CA SER C 90 -21.69 -3.75 33.45
C SER C 90 -20.31 -3.13 33.58
N LYS C 91 -20.14 -2.23 34.54
CA LYS C 91 -18.85 -1.59 34.75
C LYS C 91 -17.75 -2.61 35.06
N GLU C 92 -18.09 -3.90 34.99
CA GLU C 92 -17.13 -4.98 35.24
C GLU C 92 -16.47 -5.44 33.95
N CYS C 93 -16.83 -4.80 32.84
CA CYS C 93 -16.27 -5.12 31.53
C CYS C 93 -15.71 -3.81 30.97
N ILE C 94 -16.60 -2.87 30.69
CA ILE C 94 -16.26 -1.56 30.16
C ILE C 94 -14.81 -1.17 30.43
N ASN C 95 -14.42 -1.32 31.69
CA ASN C 95 -13.06 -1.01 32.09
C ASN C 95 -12.12 -2.11 31.65
N VAL C 96 -12.37 -2.62 30.44
CA VAL C 96 -11.53 -3.64 29.84
C VAL C 96 -10.99 -3.00 28.57
N ASN C 97 -9.75 -3.33 28.24
CA ASN C 97 -9.10 -2.79 27.06
C ASN C 97 -8.10 -3.85 26.63
N SER C 98 -7.93 -3.99 25.32
CA SER C 98 -7.02 -4.95 24.71
C SER C 98 -5.92 -5.51 25.62
N LYS C 99 -5.36 -4.63 26.46
CA LYS C 99 -4.27 -4.97 27.38
C LYS C 99 -4.71 -5.78 28.60
N ASN C 100 -5.76 -5.32 29.27
CA ASN C 100 -6.30 -6.01 30.46
C ASN C 100 -7.44 -6.95 30.11
N ALA C 101 -7.11 -7.91 29.27
CA ALA C 101 -8.07 -8.90 28.83
C ALA C 101 -7.54 -10.24 29.30
N GLU C 102 -6.23 -10.30 29.54
CA GLU C 102 -5.62 -11.54 30.03
C GLU C 102 -5.92 -11.62 31.52
N TYR C 103 -6.07 -10.45 32.14
CA TYR C 103 -6.37 -10.35 33.58
C TYR C 103 -7.86 -10.64 33.76
N PHE C 104 -8.63 -9.59 34.04
CA PHE C 104 -10.07 -9.68 34.18
C PHE C 104 -10.69 -10.37 35.39
N GLN C 105 -10.99 -11.67 35.22
CA GLN C 105 -11.64 -12.52 36.25
C GLN C 105 -13.05 -12.04 36.61
N PHE C 106 -14.04 -12.89 36.30
CA PHE C 106 -15.42 -12.56 36.59
C PHE C 106 -15.65 -12.61 38.10
N ASP C 107 -16.71 -11.95 38.55
CA ASP C 107 -17.06 -11.91 39.97
C ASP C 107 -18.27 -12.83 40.23
N ILE C 108 -18.00 -14.08 40.62
CA ILE C 108 -19.03 -15.08 40.88
C ILE C 108 -20.23 -14.61 41.74
N GLN C 109 -20.19 -13.35 42.20
CA GLN C 109 -21.26 -12.79 43.05
C GLN C 109 -22.19 -11.83 42.30
N ASP C 110 -21.63 -11.10 41.33
CA ASP C 110 -22.39 -10.12 40.54
C ASP C 110 -23.27 -10.80 39.46
N HIS C 111 -22.77 -11.89 38.88
CA HIS C 111 -23.47 -12.63 37.83
C HIS C 111 -24.17 -13.91 38.32
N PHE C 112 -24.64 -13.92 39.56
CA PHE C 112 -25.31 -15.12 40.09
C PHE C 112 -26.44 -14.93 41.11
N GLY C 113 -26.14 -14.34 42.26
CA GLY C 113 -27.18 -14.14 43.28
C GLY C 113 -26.95 -14.95 44.54
N LYS C 114 -27.35 -16.22 44.53
CA LYS C 114 -27.19 -17.14 45.67
C LYS C 114 -27.62 -18.59 45.31
N GLU C 115 -27.96 -18.81 44.05
CA GLU C 115 -28.42 -20.11 43.52
C GLU C 115 -27.72 -21.40 44.03
N ASP C 116 -26.95 -22.02 43.15
CA ASP C 116 -26.22 -23.26 43.44
C ASP C 116 -24.90 -22.98 44.18
N LEU C 117 -24.84 -21.80 44.80
CA LEU C 117 -23.67 -21.32 45.56
C LEU C 117 -23.78 -21.55 47.08
N CYS C 118 -24.96 -22.04 47.53
CA CYS C 118 -25.23 -22.32 48.95
C CYS C 118 -24.72 -23.72 49.37
N ALA C 119 -24.50 -24.59 48.39
CA ALA C 119 -24.02 -25.96 48.62
C ALA C 119 -22.51 -26.07 48.86
N GLY C 120 -21.84 -26.75 47.93
CA GLY C 120 -20.40 -26.95 48.01
C GLY C 120 -19.91 -27.38 46.64
N LYS C 121 -20.74 -27.08 45.63
CA LYS C 121 -20.45 -27.41 44.23
C LYS C 121 -19.85 -26.22 43.47
N GLY C 122 -20.49 -25.05 43.60
CA GLY C 122 -20.02 -23.86 42.91
C GLY C 122 -20.84 -23.56 41.66
N PHE C 123 -20.22 -23.67 40.49
CA PHE C 123 -20.92 -23.42 39.24
C PHE C 123 -20.46 -24.32 38.11
N GLN C 124 -21.42 -25.02 37.49
CA GLN C 124 -21.12 -25.86 36.34
C GLN C 124 -21.60 -25.03 35.17
N LEU C 125 -20.67 -24.61 34.32
CA LEU C 125 -21.02 -23.77 33.19
C LEU C 125 -20.96 -24.49 31.86
N ALA C 126 -22.15 -24.86 31.38
CA ALA C 126 -22.36 -25.54 30.11
C ALA C 126 -21.26 -26.48 29.60
N ASP C 127 -21.57 -27.13 28.48
CA ASP C 127 -20.67 -28.07 27.80
C ASP C 127 -20.14 -29.17 28.72
N GLY C 128 -20.27 -28.95 30.03
CA GLY C 128 -19.79 -29.91 31.00
C GLY C 128 -18.68 -29.26 31.80
N GLY C 129 -17.76 -30.06 32.32
CA GLY C 129 -16.66 -29.49 33.09
C GLY C 129 -17.07 -28.56 34.24
N TRP C 130 -16.16 -28.40 35.20
CA TRP C 130 -16.42 -27.56 36.36
C TRP C 130 -15.46 -26.41 36.59
N LEU C 131 -16.06 -25.27 36.94
CA LEU C 131 -15.31 -24.07 37.25
C LEU C 131 -15.29 -24.03 38.78
N ILE C 132 -14.14 -23.73 39.37
CA ILE C 132 -13.99 -23.66 40.83
C ILE C 132 -13.95 -22.21 41.37
N PRO C 133 -15.08 -21.46 41.26
CA PRO C 133 -15.20 -20.06 41.71
C PRO C 133 -14.17 -19.63 42.75
N SER C 134 -12.91 -19.67 42.33
CA SER C 134 -11.75 -19.34 43.15
C SER C 134 -12.03 -18.39 44.31
N ASN C 135 -11.49 -18.79 45.46
CA ASN C 135 -11.58 -18.12 46.75
C ASN C 135 -12.24 -16.72 46.86
N ASP C 136 -11.40 -15.68 46.80
CA ASP C 136 -11.83 -14.28 46.92
C ASP C 136 -13.14 -13.86 46.24
N GLY C 137 -13.69 -14.73 45.39
CA GLY C 137 -14.92 -14.41 44.68
C GLY C 137 -14.63 -14.01 43.25
N LYS C 138 -13.53 -14.52 42.72
CA LYS C 138 -13.10 -14.24 41.36
C LYS C 138 -12.87 -15.51 40.54
N ALA C 139 -13.23 -15.45 39.26
CA ALA C 139 -13.05 -16.56 38.33
C ALA C 139 -12.47 -15.97 37.06
N GLY C 140 -11.19 -16.23 36.83
CA GLY C 140 -10.52 -15.71 35.66
C GLY C 140 -9.56 -16.70 35.03
N LYS C 141 -8.56 -16.17 34.33
CA LYS C 141 -7.54 -16.95 33.65
C LYS C 141 -7.39 -18.42 34.10
N GLU C 142 -6.70 -18.63 35.21
CA GLU C 142 -6.44 -19.96 35.78
C GLU C 142 -7.67 -20.88 35.76
N GLU C 143 -8.57 -20.63 36.69
CA GLU C 143 -9.81 -21.38 36.84
C GLU C 143 -10.23 -22.08 35.57
N PHE C 144 -10.74 -21.29 34.62
CA PHE C 144 -11.22 -21.79 33.34
C PHE C 144 -10.26 -22.76 32.67
N TYR C 145 -8.95 -22.54 32.84
CA TYR C 145 -7.96 -23.44 32.25
C TYR C 145 -8.25 -24.83 32.77
N ARG C 146 -8.36 -24.92 34.09
CA ARG C 146 -8.66 -26.19 34.75
C ARG C 146 -10.10 -26.51 34.41
N ALA C 147 -10.98 -25.53 34.64
CA ALA C 147 -12.40 -25.68 34.37
C ALA C 147 -12.59 -26.05 32.90
N LEU C 148 -11.47 -26.16 32.19
CA LEU C 148 -11.49 -26.56 30.79
C LEU C 148 -10.96 -27.99 30.76
N CYS C 149 -9.81 -28.18 31.40
CA CYS C 149 -9.16 -29.48 31.47
C CYS C 149 -10.16 -30.57 31.90
N ASP C 150 -11.06 -30.23 32.83
CA ASP C 150 -12.07 -31.16 33.35
C ASP C 150 -13.32 -31.27 32.49
N THR C 151 -13.37 -30.46 31.43
CA THR C 151 -14.50 -30.44 30.53
C THR C 151 -14.45 -31.64 29.57
N PRO C 152 -15.60 -32.27 29.33
CA PRO C 152 -15.70 -33.43 28.45
C PRO C 152 -14.76 -33.38 27.24
N GLY C 153 -14.31 -34.54 26.77
CA GLY C 153 -13.43 -34.59 25.62
C GLY C 153 -12.16 -33.73 25.67
N VAL C 154 -12.03 -32.93 26.74
CA VAL C 154 -10.88 -32.04 26.90
C VAL C 154 -9.70 -32.78 27.55
N ASP C 155 -8.61 -32.85 26.80
CA ASP C 155 -7.40 -33.53 27.25
C ASP C 155 -6.30 -32.54 27.60
N PRO C 156 -6.36 -31.94 28.81
CA PRO C 156 -5.36 -30.97 29.28
C PRO C 156 -3.90 -31.40 29.15
N LYS C 157 -3.69 -32.46 28.39
CA LYS C 157 -2.38 -33.04 28.11
C LYS C 157 -1.81 -32.40 26.84
N LEU C 158 -2.68 -31.72 26.09
CA LEU C 158 -2.29 -31.05 24.85
C LEU C 158 -2.43 -29.54 24.96
N ILE C 159 -2.49 -29.01 26.18
CA ILE C 159 -2.65 -27.57 26.37
C ILE C 159 -1.90 -27.01 27.59
N SER C 160 -1.86 -25.68 27.68
CA SER C 160 -1.19 -24.97 28.79
C SER C 160 -2.09 -23.91 29.43
N SER C 161 -1.62 -23.34 30.53
CA SER C 161 -2.37 -22.31 31.26
C SER C 161 -2.18 -20.93 30.66
N ILE C 162 -1.31 -20.88 29.64
CA ILE C 162 -0.97 -19.66 28.91
C ILE C 162 -1.68 -19.69 27.56
N TRP C 163 -1.59 -20.84 26.90
CA TRP C 163 -2.20 -21.10 25.61
C TRP C 163 -3.65 -20.71 25.78
N VAL C 164 -4.07 -20.78 27.04
CA VAL C 164 -5.42 -20.46 27.42
C VAL C 164 -5.45 -19.09 28.07
N ALA C 165 -4.28 -18.47 28.16
CA ALA C 165 -4.17 -17.14 28.74
C ALA C 165 -4.39 -16.17 27.58
N ASN C 166 -3.96 -16.63 26.40
CA ASN C 166 -4.06 -15.89 25.15
C ASN C 166 -5.52 -15.88 24.70
N HIS C 167 -6.01 -17.07 24.39
CA HIS C 167 -7.37 -17.23 23.95
C HIS C 167 -8.38 -16.63 24.92
N TYR C 168 -8.06 -16.65 26.19
CA TYR C 168 -8.95 -16.06 27.18
C TYR C 168 -9.05 -14.59 26.74
N ARG C 169 -7.91 -13.93 26.83
CA ARG C 169 -7.78 -12.53 26.48
C ARG C 169 -8.61 -12.10 25.29
N TRP C 170 -8.22 -12.58 24.13
CA TRP C 170 -8.90 -12.28 22.89
C TRP C 170 -10.40 -12.25 23.09
N ILE C 171 -10.94 -13.45 23.26
CA ILE C 171 -12.37 -13.69 23.46
C ILE C 171 -12.98 -12.58 24.28
N VAL C 172 -12.56 -12.49 25.54
CA VAL C 172 -13.01 -11.45 26.45
C VAL C 172 -13.23 -10.14 25.67
N TRP C 173 -12.10 -9.57 25.27
CA TRP C 173 -12.00 -8.31 24.53
C TRP C 173 -13.09 -8.14 23.49
N LYS C 174 -13.18 -9.14 22.62
CA LYS C 174 -14.19 -9.16 21.57
C LYS C 174 -15.53 -8.84 22.23
N LEU C 175 -16.01 -9.81 23.00
CA LEU C 175 -17.24 -9.75 23.77
C LEU C 175 -17.47 -8.37 24.31
N ALA C 176 -16.65 -8.02 25.29
CA ALA C 176 -16.71 -6.72 25.94
C ALA C 176 -17.30 -5.72 24.96
N ALA C 177 -16.51 -5.50 23.91
CA ALA C 177 -16.84 -4.61 22.83
C ALA C 177 -18.29 -4.82 22.49
N MET C 178 -18.54 -5.93 21.81
CA MET C 178 -19.87 -6.35 21.39
C MET C 178 -20.99 -5.56 22.04
N GLU C 179 -21.02 -5.61 23.37
CA GLU C 179 -22.02 -4.91 24.18
C GLU C 179 -21.95 -3.45 23.80
N PHE C 180 -20.74 -2.94 23.93
CA PHE C 180 -20.42 -1.57 23.61
C PHE C 180 -20.56 -1.42 22.08
N ALA C 181 -20.96 -0.23 21.63
CA ALA C 181 -21.14 0.05 20.20
C ALA C 181 -22.27 -0.77 19.58
N PHE C 182 -22.53 -1.97 20.13
CA PHE C 182 -23.62 -2.83 19.63
C PHE C 182 -24.45 -3.42 20.77
N PRO C 183 -25.21 -2.56 21.48
CA PRO C 183 -26.08 -2.88 22.62
C PRO C 183 -27.53 -3.24 22.26
N LYS C 184 -28.18 -2.36 21.50
CA LYS C 184 -29.56 -2.57 21.07
C LYS C 184 -29.71 -3.95 20.42
N GLU C 185 -28.67 -4.76 20.57
CA GLU C 185 -28.63 -6.09 20.00
C GLU C 185 -27.86 -6.96 20.96
N PHE C 186 -26.99 -6.36 21.77
CA PHE C 186 -26.19 -7.12 22.73
C PHE C 186 -26.09 -6.49 24.11
N ALA C 187 -25.78 -7.33 25.11
CA ALA C 187 -25.62 -6.88 26.49
C ALA C 187 -24.64 -7.80 27.22
N ASN C 188 -24.99 -8.16 28.44
CA ASN C 188 -24.14 -9.05 29.24
C ASN C 188 -24.47 -10.49 28.90
N ARG C 189 -24.95 -10.67 27.67
CA ARG C 189 -25.32 -11.98 27.12
C ARG C 189 -24.03 -12.71 26.69
N CYS C 190 -22.93 -11.94 26.64
CA CYS C 190 -21.61 -12.44 26.22
C CYS C 190 -20.60 -12.67 27.35
N LEU C 191 -20.74 -11.92 28.44
CA LEU C 191 -19.84 -12.01 29.60
C LEU C 191 -20.11 -13.22 30.52
N ASN C 192 -20.86 -14.19 30.00
CA ASN C 192 -21.22 -15.42 30.71
C ASN C 192 -20.12 -16.46 30.55
N PRO C 193 -19.33 -16.69 31.63
CA PRO C 193 -18.23 -17.67 31.61
C PRO C 193 -18.62 -18.96 30.91
N GLU C 194 -19.92 -19.19 30.77
CA GLU C 194 -20.40 -20.36 30.06
C GLU C 194 -20.07 -20.04 28.61
N ARG C 195 -20.74 -19.00 28.13
CA ARG C 195 -20.54 -18.50 26.77
C ARG C 195 -19.05 -18.59 26.59
N VAL C 196 -18.36 -17.81 27.41
CA VAL C 196 -16.92 -17.76 27.39
C VAL C 196 -16.32 -19.15 27.30
N LEU C 197 -16.30 -19.88 28.41
CA LEU C 197 -15.71 -21.21 28.42
C LEU C 197 -16.11 -21.97 27.17
N LEU C 198 -17.21 -21.56 26.56
CA LEU C 198 -17.65 -22.24 25.37
C LEU C 198 -16.66 -22.12 24.22
N GLN C 199 -16.46 -20.90 23.72
CA GLN C 199 -15.54 -20.69 22.61
C GLN C 199 -14.22 -21.27 23.03
N LEU C 200 -13.88 -20.99 24.28
CA LEU C 200 -12.64 -21.48 24.85
C LEU C 200 -12.51 -22.93 24.42
N LYS C 201 -13.63 -23.65 24.48
CA LYS C 201 -13.64 -25.05 24.06
C LYS C 201 -13.56 -25.05 22.54
N TYR C 202 -14.43 -24.25 21.92
CA TYR C 202 -14.48 -24.12 20.47
C TYR C 202 -13.06 -24.28 19.99
N ARG C 203 -12.28 -23.24 20.28
CA ARG C 203 -10.88 -23.19 19.91
C ARG C 203 -10.26 -24.58 19.87
N TYR C 204 -10.40 -25.31 20.98
CA TYR C 204 -9.85 -26.66 21.08
C TYR C 204 -10.18 -27.50 19.84
N ASP C 205 -11.46 -27.61 19.54
CA ASP C 205 -11.90 -28.42 18.41
C ASP C 205 -11.35 -28.01 17.06
N VAL C 206 -10.84 -26.79 16.99
CA VAL C 206 -10.34 -26.29 15.73
C VAL C 206 -8.84 -26.37 15.64
N GLU C 207 -8.19 -25.47 16.36
CA GLU C 207 -6.73 -25.39 16.36
C GLU C 207 -6.07 -26.72 16.70
N ILE C 208 -6.80 -27.55 17.45
CA ILE C 208 -6.28 -28.86 17.85
C ILE C 208 -6.95 -30.04 17.14
N ASP C 209 -8.18 -30.33 17.54
CA ASP C 209 -8.96 -31.44 16.99
C ASP C 209 -8.76 -31.68 15.49
N ASN C 210 -8.95 -30.65 14.68
CA ASN C 210 -8.80 -30.78 13.23
C ASN C 210 -7.51 -30.14 12.77
N SER C 211 -6.94 -29.31 13.64
CA SER C 211 -5.70 -28.64 13.36
C SER C 211 -5.78 -27.76 12.11
N ARG C 212 -6.48 -26.63 12.25
CA ARG C 212 -6.62 -25.64 11.18
C ARG C 212 -5.98 -24.41 11.84
N ARG C 213 -4.77 -24.06 11.41
CA ARG C 213 -4.04 -22.93 12.00
C ARG C 213 -4.47 -21.53 11.57
N SER C 214 -4.58 -20.63 12.53
CA SER C 214 -4.96 -19.26 12.25
C SER C 214 -3.96 -18.69 11.23
N ALA C 215 -4.22 -17.49 10.73
CA ALA C 215 -3.30 -16.88 9.77
C ALA C 215 -1.90 -16.79 10.35
N LEU C 216 -1.70 -15.90 11.32
CA LEU C 216 -0.41 -15.74 11.96
C LEU C 216 0.21 -17.06 12.26
N LYS C 217 -0.31 -17.76 13.25
CA LYS C 217 0.21 -19.06 13.62
C LYS C 217 0.61 -19.85 12.38
N LYS C 218 -0.15 -19.73 11.31
CA LYS C 218 0.15 -20.47 10.09
C LYS C 218 1.39 -19.93 9.35
N ILE C 219 1.68 -18.65 9.53
CA ILE C 219 2.79 -18.00 8.85
C ILE C 219 4.04 -17.90 9.72
N LEU C 220 3.86 -17.61 11.01
CA LEU C 220 4.98 -17.54 11.93
C LEU C 220 5.62 -18.91 11.97
N GLU C 221 5.04 -19.84 11.21
CA GLU C 221 5.54 -21.20 11.15
C GLU C 221 6.02 -21.50 9.74
N ARG C 222 6.55 -20.49 9.07
CA ARG C 222 7.08 -20.66 7.71
C ARG C 222 6.40 -21.82 7.00
N ASP C 223 5.07 -21.92 7.13
CA ASP C 223 4.38 -23.02 6.48
C ASP C 223 3.45 -22.57 5.35
N ASP C 224 2.91 -21.36 5.45
CA ASP C 224 2.07 -20.87 4.36
C ASP C 224 2.61 -19.54 3.90
N THR C 225 2.56 -19.36 2.57
CA THR C 225 3.05 -18.16 1.94
C THR C 225 3.04 -17.01 2.91
N ALA C 226 4.19 -16.40 3.07
CA ALA C 226 4.31 -15.30 4.00
C ALA C 226 3.45 -14.10 3.65
N ALA C 227 3.55 -13.10 4.51
CA ALA C 227 2.81 -11.87 4.38
C ALA C 227 2.38 -11.45 2.97
N LYS C 228 1.33 -12.07 2.47
CA LYS C 228 0.78 -11.70 1.18
C LYS C 228 -0.42 -10.82 1.57
N THR C 229 -1.66 -11.35 1.52
CA THR C 229 -2.86 -10.56 1.91
C THR C 229 -3.25 -10.89 3.31
N LEU C 230 -3.66 -9.88 4.05
CA LEU C 230 -3.97 -10.09 5.45
C LEU C 230 -4.80 -8.98 6.04
N VAL C 231 -5.76 -9.34 6.88
CA VAL C 231 -6.54 -8.33 7.57
C VAL C 231 -6.28 -8.61 9.00
N LEU C 232 -5.81 -7.62 9.72
CA LEU C 232 -5.51 -7.85 11.10
C LEU C 232 -5.98 -6.68 11.86
N CYS C 233 -5.94 -6.85 13.18
CA CYS C 233 -6.39 -5.81 14.03
C CYS C 233 -5.26 -5.49 14.95
N ILE C 234 -5.05 -4.20 15.15
CA ILE C 234 -3.99 -3.75 16.00
C ILE C 234 -4.39 -3.97 17.42
N SER C 235 -3.55 -4.75 18.07
CA SER C 235 -3.73 -5.11 19.44
C SER C 235 -3.04 -4.20 20.44
N ASP C 236 -1.78 -3.82 20.20
CA ASP C 236 -1.12 -2.99 21.18
C ASP C 236 -0.08 -1.98 20.71
N ILE C 237 0.30 -1.14 21.67
CA ILE C 237 1.27 -0.05 21.53
C ILE C 237 2.47 -0.26 22.50
N VAL C 260 5.84 2.65 21.65
CA VAL C 260 5.80 3.40 20.39
C VAL C 260 6.85 2.89 19.40
N ASP C 261 7.88 2.23 19.92
CA ASP C 261 8.97 1.67 19.10
C ASP C 261 8.34 0.86 17.95
N THR C 262 7.35 0.04 18.31
CA THR C 262 6.61 -0.81 17.37
C THR C 262 5.28 -1.25 18.00
N ILE C 263 4.41 -1.85 17.20
CA ILE C 263 3.10 -2.30 17.68
C ILE C 263 2.71 -3.75 17.37
N GLU C 264 1.63 -4.19 18.03
CA GLU C 264 1.13 -5.55 17.93
C GLU C 264 -0.08 -5.73 17.00
N LEU C 265 -0.05 -6.84 16.27
CA LEU C 265 -1.13 -7.15 15.36
C LEU C 265 -1.62 -8.54 15.63
N THR C 266 -2.93 -8.72 15.55
CA THR C 266 -3.52 -10.01 15.80
C THR C 266 -4.43 -10.44 14.70
N ASP C 267 -4.50 -11.76 14.51
CA ASP C 267 -5.37 -12.34 13.50
C ASP C 267 -6.60 -12.96 14.18
N GLY C 268 -6.68 -12.67 15.47
CA GLY C 268 -7.79 -13.14 16.28
C GLY C 268 -7.35 -14.27 17.18
N TRP C 269 -6.26 -14.91 16.80
CA TRP C 269 -5.74 -16.02 17.54
C TRP C 269 -4.43 -15.72 18.24
N TYR C 270 -3.53 -15.05 17.54
CA TYR C 270 -2.26 -14.71 18.13
C TYR C 270 -1.81 -13.34 17.67
N ALA C 271 -0.83 -12.77 18.36
CA ALA C 271 -0.34 -11.45 18.00
C ALA C 271 1.17 -11.35 17.95
N VAL C 272 1.67 -10.78 16.87
CA VAL C 272 3.11 -10.59 16.74
C VAL C 272 3.31 -9.08 16.83
N ARG C 273 4.54 -8.62 16.65
CA ARG C 273 4.80 -7.20 16.69
C ARG C 273 5.13 -6.83 15.26
N ALA C 274 4.61 -5.70 14.82
CA ALA C 274 4.86 -5.30 13.46
C ALA C 274 6.02 -4.35 13.43
N GLN C 275 6.60 -4.23 12.25
CA GLN C 275 7.70 -3.30 12.05
C GLN C 275 7.08 -2.22 11.20
N LEU C 276 6.99 -1.02 11.74
CA LEU C 276 6.37 0.06 11.00
C LEU C 276 7.32 0.95 10.24
N ASP C 277 6.86 1.44 9.09
CA ASP C 277 7.65 2.37 8.30
C ASP C 277 7.18 3.83 8.53
N PRO C 278 8.09 4.78 8.34
CA PRO C 278 7.93 6.22 8.49
C PRO C 278 6.54 6.83 8.52
N PRO C 279 5.72 6.56 7.53
CA PRO C 279 4.38 7.16 7.53
C PRO C 279 3.34 6.44 8.40
N LEU C 280 3.55 5.16 8.67
CA LEU C 280 2.62 4.43 9.54
C LEU C 280 2.89 5.03 10.91
N MET C 281 4.17 5.14 11.23
CA MET C 281 4.62 5.74 12.48
C MET C 281 3.88 7.05 12.63
N ALA C 282 4.03 7.91 11.62
CA ALA C 282 3.42 9.24 11.60
C ALA C 282 1.91 9.20 11.77
N LEU C 283 1.32 8.01 11.66
CA LEU C 283 -0.12 7.87 11.83
C LEU C 283 -0.34 7.51 13.29
N VAL C 284 0.22 6.38 13.69
CA VAL C 284 0.11 5.93 15.07
C VAL C 284 0.48 7.09 15.98
N LYS C 285 1.50 7.85 15.58
CA LYS C 285 1.93 9.01 16.33
C LYS C 285 0.79 10.03 16.39
N SER C 286 0.22 10.34 15.24
CA SER C 286 -0.88 11.31 15.19
C SER C 286 -2.16 10.72 15.77
N GLY C 287 -2.20 9.39 15.88
CA GLY C 287 -3.36 8.71 16.41
C GLY C 287 -4.40 8.40 15.35
N LYS C 288 -3.97 8.32 14.10
CA LYS C 288 -4.88 8.03 12.97
C LYS C 288 -5.02 6.53 12.78
N LEU C 289 -4.46 5.80 13.73
CA LEU C 289 -4.52 4.34 13.78
C LEU C 289 -4.43 4.10 15.27
N THR C 290 -5.42 3.42 15.85
CA THR C 290 -5.47 3.12 17.29
C THR C 290 -5.83 1.66 17.53
N VAL C 291 -5.42 1.10 18.67
CA VAL C 291 -5.69 -0.31 18.92
C VAL C 291 -7.13 -0.71 18.71
N GLY C 292 -7.30 -1.91 18.16
CA GLY C 292 -8.63 -2.40 17.90
C GLY C 292 -9.08 -2.05 16.51
N GLN C 293 -8.32 -1.21 15.78
CA GLN C 293 -8.68 -0.86 14.41
C GLN C 293 -8.17 -1.98 13.51
N LYS C 294 -8.87 -2.21 12.41
CA LYS C 294 -8.46 -3.30 11.54
C LYS C 294 -7.78 -2.77 10.29
N ILE C 295 -6.62 -3.34 9.98
CA ILE C 295 -5.92 -2.95 8.77
C ILE C 295 -5.82 -4.21 7.92
N ILE C 296 -5.50 -4.00 6.65
CA ILE C 296 -5.32 -5.08 5.71
C ILE C 296 -4.07 -4.74 4.93
N THR C 297 -3.09 -5.63 4.96
CA THR C 297 -1.82 -5.41 4.29
C THR C 297 -1.63 -6.32 3.11
N GLN C 298 -0.57 -6.05 2.37
CA GLN C 298 -0.21 -6.85 1.19
C GLN C 298 1.28 -7.09 1.22
N GLY C 299 1.70 -8.08 0.45
CA GLY C 299 3.12 -8.41 0.39
C GLY C 299 4.02 -7.91 1.50
N ALA C 300 3.62 -8.10 2.76
CA ALA C 300 4.45 -7.67 3.86
C ALA C 300 5.67 -8.58 3.86
N GLU C 301 6.29 -8.77 5.02
CA GLU C 301 7.47 -9.64 5.08
C GLU C 301 7.83 -10.05 6.50
N LEU C 302 8.39 -11.24 6.60
CA LEU C 302 8.78 -11.77 7.89
C LEU C 302 10.23 -11.54 8.29
N VAL C 303 10.43 -10.55 9.15
CA VAL C 303 11.76 -10.25 9.63
C VAL C 303 11.91 -11.08 10.90
N GLY C 304 13.14 -11.38 11.29
CA GLY C 304 13.35 -12.16 12.49
C GLY C 304 13.29 -13.65 12.25
N SER C 305 13.81 -14.41 13.21
CA SER C 305 13.86 -15.87 13.18
C SER C 305 13.50 -16.57 11.86
N PRO C 306 14.45 -16.63 10.91
CA PRO C 306 14.24 -17.27 9.61
C PRO C 306 14.24 -18.80 9.76
N ASP C 307 13.92 -19.23 10.97
CA ASP C 307 13.87 -20.65 11.30
C ASP C 307 12.43 -21.10 11.55
N ALA C 308 12.19 -22.41 11.45
CA ALA C 308 10.87 -22.97 11.68
C ALA C 308 10.43 -22.54 13.08
N CYS C 309 9.76 -21.38 13.15
CA CYS C 309 9.32 -20.83 14.42
C CYS C 309 8.06 -21.45 15.05
N ALA C 310 8.17 -21.77 16.33
CA ALA C 310 7.09 -22.35 17.09
C ALA C 310 5.88 -21.45 17.00
N PRO C 311 4.68 -21.97 17.33
CA PRO C 311 3.47 -21.15 17.27
C PRO C 311 3.78 -19.89 18.08
N LEU C 312 2.92 -18.88 18.00
CA LEU C 312 3.20 -17.66 18.74
C LEU C 312 3.89 -18.00 20.08
N GLU C 313 4.77 -17.10 20.50
CA GLU C 313 5.57 -17.17 21.73
C GLU C 313 6.99 -17.55 21.36
N ALA C 314 7.67 -16.59 20.73
CA ALA C 314 9.03 -16.75 20.26
C ALA C 314 9.88 -15.57 20.79
N PRO C 315 11.03 -15.26 20.14
CA PRO C 315 11.91 -14.17 20.59
C PRO C 315 11.37 -12.74 20.54
N ASP C 316 12.24 -11.84 20.08
CA ASP C 316 11.95 -10.42 19.93
C ASP C 316 12.61 -9.97 18.62
N SER C 317 13.36 -10.89 18.02
CA SER C 317 14.05 -10.62 16.78
C SER C 317 13.04 -10.62 15.65
N LEU C 318 12.06 -11.51 15.75
CA LEU C 318 11.03 -11.59 14.73
C LEU C 318 10.17 -10.34 14.78
N ARG C 319 9.49 -10.06 13.68
CA ARG C 319 8.61 -8.91 13.55
C ARG C 319 7.87 -9.04 12.24
N LEU C 320 6.71 -8.42 12.16
CA LEU C 320 6.02 -8.46 10.91
C LEU C 320 6.22 -7.09 10.33
N LYS C 321 6.96 -7.04 9.22
CA LYS C 321 7.26 -5.78 8.55
C LYS C 321 6.13 -5.54 7.59
N ILE C 322 5.49 -4.39 7.73
CA ILE C 322 4.39 -4.02 6.85
C ILE C 322 4.66 -2.62 6.32
N SER C 323 4.47 -2.42 5.02
CA SER C 323 4.71 -1.11 4.43
C SER C 323 3.44 -0.34 4.09
N ALA C 324 3.43 0.93 4.45
CA ALA C 324 2.28 1.77 4.18
C ALA C 324 1.67 1.51 2.81
N ASN C 325 2.38 1.82 1.74
CA ASN C 325 1.83 1.62 0.40
C ASN C 325 1.40 0.19 0.03
N SER C 326 1.47 -0.71 1.03
CA SER C 326 1.06 -2.12 0.88
C SER C 326 -0.09 -2.49 1.83
N THR C 327 -0.46 -1.58 2.73
CA THR C 327 -1.52 -1.82 3.70
C THR C 327 -2.51 -0.65 3.81
N ARG C 328 -3.70 -0.91 4.32
CA ARG C 328 -4.68 0.16 4.45
C ARG C 328 -5.83 -0.18 5.39
N PRO C 329 -6.55 0.85 5.85
CA PRO C 329 -7.69 0.74 6.74
C PRO C 329 -8.69 -0.19 6.13
N ALA C 330 -9.26 -1.06 6.98
CA ALA C 330 -10.27 -2.01 6.56
C ALA C 330 -11.67 -1.65 7.12
N ARG C 331 -12.71 -2.18 6.50
CA ARG C 331 -14.06 -1.87 6.95
C ARG C 331 -14.22 -2.54 8.32
N TRP C 332 -14.99 -1.92 9.22
CA TRP C 332 -15.19 -2.40 10.60
C TRP C 332 -15.37 -3.89 10.84
N HIS C 333 -16.16 -4.60 10.03
CA HIS C 333 -16.27 -6.06 10.17
C HIS C 333 -15.03 -6.64 9.46
N SER C 334 -15.18 -7.16 8.25
CA SER C 334 -13.98 -7.60 7.54
C SER C 334 -13.36 -8.93 7.88
N ARG C 335 -13.64 -9.51 9.02
CA ARG C 335 -13.05 -10.83 9.26
C ARG C 335 -11.54 -10.95 9.18
N LEU C 336 -10.89 -10.85 10.32
CA LEU C 336 -9.45 -11.01 10.42
C LEU C 336 -9.04 -12.30 9.72
N GLY C 337 -7.73 -12.45 9.54
CA GLY C 337 -7.19 -13.63 8.90
C GLY C 337 -6.58 -13.28 7.57
N PHE C 338 -6.49 -14.26 6.68
CA PHE C 338 -5.95 -13.99 5.37
C PHE C 338 -7.00 -13.21 4.60
N PHE C 339 -7.29 -13.59 3.36
CA PHE C 339 -8.27 -12.84 2.57
C PHE C 339 -8.59 -13.54 1.27
N ARG C 340 -9.87 -13.52 0.88
CA ARG C 340 -10.30 -14.26 -0.30
C ARG C 340 -9.55 -14.14 -1.62
N ASP C 341 -9.35 -12.91 -2.12
CA ASP C 341 -8.63 -12.71 -3.38
C ASP C 341 -7.28 -12.14 -3.01
N PRO C 342 -6.20 -12.90 -3.25
CA PRO C 342 -4.81 -12.52 -2.95
C PRO C 342 -4.19 -11.57 -3.98
N ARG C 343 -4.67 -11.69 -5.22
CA ARG C 343 -4.22 -10.89 -6.36
C ARG C 343 -4.25 -9.40 -6.03
N PRO C 344 -3.06 -8.81 -5.85
CA PRO C 344 -2.79 -7.42 -5.52
C PRO C 344 -3.89 -6.37 -5.74
N PHE C 345 -4.11 -5.57 -4.70
CA PHE C 345 -5.11 -4.53 -4.82
C PHE C 345 -4.49 -3.23 -5.28
N PRO C 346 -5.03 -2.69 -6.37
CA PRO C 346 -4.59 -1.46 -7.01
C PRO C 346 -4.87 -0.20 -6.25
N LEU C 347 -3.92 0.73 -6.24
CA LEU C 347 -4.15 1.99 -5.61
C LEU C 347 -3.91 3.13 -6.60
N PRO C 348 -4.30 4.32 -6.20
CA PRO C 348 -4.08 5.40 -7.13
C PRO C 348 -2.81 6.03 -6.65
N LEU C 349 -2.11 6.71 -7.56
CA LEU C 349 -0.85 7.39 -7.26
C LEU C 349 -1.12 8.55 -6.33
N SER C 350 -2.32 9.11 -6.47
CA SER C 350 -2.77 10.23 -5.66
C SER C 350 -2.31 10.06 -4.20
N SER C 351 -2.30 8.83 -3.70
CA SER C 351 -1.84 8.58 -2.34
C SER C 351 -0.37 8.29 -2.48
N LEU C 352 0.09 7.24 -1.81
CA LEU C 352 1.49 6.83 -1.90
C LEU C 352 2.49 7.77 -1.26
N PHE C 353 3.40 7.18 -0.50
CA PHE C 353 4.40 7.95 0.18
C PHE C 353 5.73 7.59 -0.42
N SER C 354 6.64 8.56 -0.41
CA SER C 354 7.98 8.35 -0.93
C SER C 354 8.58 7.27 -0.05
N ASP C 355 8.52 7.53 1.25
CA ASP C 355 9.04 6.66 2.30
C ASP C 355 8.31 5.34 2.49
N GLY C 356 7.03 5.30 2.11
CA GLY C 356 6.25 4.07 2.27
C GLY C 356 6.32 3.06 1.14
N GLY C 357 7.22 2.08 1.29
CA GLY C 357 7.45 0.99 0.34
C GLY C 357 6.77 0.86 -1.00
N ASN C 358 7.02 -0.27 -1.65
CA ASN C 358 6.48 -0.57 -2.96
C ASN C 358 4.96 -0.50 -3.10
N VAL C 359 4.44 -0.15 -4.27
CA VAL C 359 2.99 -0.13 -4.42
C VAL C 359 2.76 -1.49 -5.02
N GLY C 360 2.30 -2.44 -4.23
CA GLY C 360 2.06 -3.76 -4.78
C GLY C 360 1.41 -3.69 -6.17
N CYS C 361 0.67 -2.61 -6.43
CA CYS C 361 0.07 -2.50 -7.74
C CYS C 361 -0.67 -1.21 -8.01
N VAL C 362 -0.63 -0.78 -9.28
CA VAL C 362 -1.33 0.41 -9.74
C VAL C 362 -1.94 0.13 -11.10
N ASP C 363 -3.08 0.74 -11.39
CA ASP C 363 -3.69 0.53 -12.71
C ASP C 363 -3.57 1.88 -13.32
N ILE C 364 -2.88 1.96 -14.46
CA ILE C 364 -2.64 3.24 -15.14
C ILE C 364 -2.84 3.33 -16.63
N ILE C 365 -2.68 4.56 -17.02
CA ILE C 365 -2.79 4.91 -18.38
C ILE C 365 -1.44 5.64 -18.57
N VAL C 366 -0.77 5.29 -19.68
CA VAL C 366 0.54 5.77 -20.09
C VAL C 366 0.37 7.01 -20.91
N GLN C 367 0.35 8.16 -20.24
CA GLN C 367 0.18 9.42 -20.91
C GLN C 367 1.30 9.48 -21.99
N ARG C 368 2.53 9.84 -21.62
CA ARG C 368 3.66 9.94 -22.57
C ARG C 368 4.81 8.95 -22.37
N VAL C 369 5.33 8.42 -23.47
CA VAL C 369 6.46 7.51 -23.37
C VAL C 369 7.66 8.31 -23.90
N TYR C 370 8.87 7.98 -23.45
CA TYR C 370 10.04 8.75 -23.85
C TYR C 370 11.17 8.09 -24.60
N PRO C 371 12.24 8.87 -24.85
CA PRO C 371 13.44 8.42 -25.55
C PRO C 371 14.37 7.84 -24.50
N LEU C 372 15.17 6.83 -24.86
CA LEU C 372 16.06 6.20 -23.90
C LEU C 372 17.06 7.08 -23.16
N GLN C 373 17.91 6.46 -22.37
CA GLN C 373 18.87 7.20 -21.58
C GLN C 373 20.02 6.31 -21.22
N TRP C 374 21.21 6.88 -21.15
CA TRP C 374 22.35 6.09 -20.74
C TRP C 374 22.91 6.75 -19.51
N VAL C 375 23.15 5.97 -18.49
CA VAL C 375 23.62 6.55 -17.23
C VAL C 375 24.95 6.05 -16.69
N GLU C 376 25.85 6.96 -16.36
CA GLU C 376 27.12 6.49 -15.90
C GLU C 376 27.32 6.74 -14.39
N LYS C 377 27.85 5.76 -13.66
CA LYS C 377 28.14 5.96 -12.24
C LYS C 377 29.61 6.34 -12.23
N THR C 378 29.90 7.64 -12.26
CA THR C 378 31.28 8.06 -12.23
C THR C 378 31.92 7.47 -10.97
N VAL C 379 33.12 6.91 -11.09
CA VAL C 379 33.81 6.33 -9.96
C VAL C 379 33.42 6.92 -8.60
N SER C 380 33.40 8.25 -8.54
CA SER C 380 33.09 9.02 -7.34
C SER C 380 31.66 8.89 -6.83
N GLY C 381 30.80 8.29 -7.64
CA GLY C 381 29.42 8.15 -7.23
C GLY C 381 28.50 8.79 -8.24
N LEU C 382 28.61 10.10 -8.45
CA LEU C 382 27.77 10.85 -9.37
C LEU C 382 27.17 10.14 -10.61
N TYR C 383 25.99 10.59 -11.05
CA TYR C 383 25.37 10.00 -12.22
C TYR C 383 25.32 10.96 -13.39
N ILE C 384 25.41 10.40 -14.60
CA ILE C 384 25.39 11.22 -15.79
C ILE C 384 24.38 10.69 -16.79
N PHE C 385 23.35 11.49 -17.08
CA PHE C 385 22.33 11.04 -18.02
C PHE C 385 22.79 11.42 -19.40
N ARG C 386 22.59 10.55 -20.40
CA ARG C 386 23.04 10.84 -21.75
C ARG C 386 22.05 10.39 -22.76
N SER C 387 21.77 11.25 -23.75
CA SER C 387 20.89 10.95 -24.88
C SER C 387 21.53 9.82 -25.68
N GLU C 388 20.91 9.27 -26.71
CA GLU C 388 21.59 8.19 -27.43
C GLU C 388 22.71 8.68 -28.28
N ARG C 389 22.37 9.59 -29.19
CA ARG C 389 23.31 10.22 -30.12
C ARG C 389 24.15 11.21 -29.34
N GLU C 390 24.29 10.95 -28.05
CA GLU C 390 25.01 11.82 -27.16
C GLU C 390 25.83 10.94 -26.20
N GLU C 391 25.58 9.65 -26.24
CA GLU C 391 26.32 8.72 -25.42
C GLU C 391 26.77 7.83 -26.49
N GLU C 392 27.18 8.44 -27.58
CA GLU C 392 27.67 7.69 -28.71
C GLU C 392 28.93 8.44 -28.89
N LYS C 393 28.79 9.75 -28.73
CA LYS C 393 29.89 10.67 -28.85
C LYS C 393 30.86 10.26 -27.75
N GLU C 394 30.47 10.55 -26.52
CA GLU C 394 31.29 10.22 -25.36
C GLU C 394 31.59 8.79 -25.46
N ALA C 395 30.60 8.05 -25.95
CA ALA C 395 30.77 6.63 -26.09
C ALA C 395 32.12 6.45 -26.73
N LEU C 396 32.23 6.96 -27.96
CA LEU C 396 33.45 6.89 -28.77
C LEU C 396 34.66 7.60 -28.19
N ARG C 397 34.44 8.76 -27.58
CA ARG C 397 35.54 9.50 -27.00
C ARG C 397 36.40 8.53 -26.19
N PHE C 398 35.74 7.74 -25.38
CA PHE C 398 36.41 6.78 -24.53
C PHE C 398 37.19 5.85 -25.40
N ALA C 399 36.49 5.20 -26.32
CA ALA C 399 37.13 4.27 -27.26
C ALA C 399 38.47 4.80 -27.82
N GLU C 400 38.46 6.02 -28.38
CA GLU C 400 39.66 6.64 -28.94
C GLU C 400 40.77 6.68 -27.91
N ALA C 401 40.46 6.98 -26.66
CA ALA C 401 41.51 7.04 -25.62
C ALA C 401 41.86 5.68 -25.07
N GLN C 402 40.88 4.78 -25.03
CA GLN C 402 41.09 3.42 -24.55
C GLN C 402 42.22 2.91 -25.42
N GLN C 403 42.05 3.29 -26.68
CA GLN C 403 42.92 2.96 -27.77
C GLN C 403 44.29 3.53 -27.51
N LYS C 404 44.32 4.81 -27.14
CA LYS C 404 45.57 5.52 -26.84
C LYS C 404 46.32 4.80 -25.74
N LYS C 405 45.59 4.08 -24.89
CA LYS C 405 46.19 3.39 -23.77
C LYS C 405 47.00 2.21 -24.25
N LEU C 406 46.37 1.30 -24.97
CA LEU C 406 47.07 0.14 -25.49
C LEU C 406 48.22 0.56 -26.37
N GLU C 407 47.98 1.50 -27.29
CA GLU C 407 49.04 1.98 -28.18
C GLU C 407 50.27 2.11 -27.33
N ALA C 408 50.10 2.80 -26.21
CA ALA C 408 51.17 3.05 -25.24
C ALA C 408 51.47 1.87 -24.39
N LEU C 409 50.52 0.98 -24.23
CA LEU C 409 50.89 -0.14 -23.42
C LEU C 409 51.92 -0.88 -24.19
N PHE C 410 51.72 -1.17 -25.47
CA PHE C 410 52.80 -1.85 -26.11
C PHE C 410 54.04 -1.06 -26.52
N THR C 411 53.99 0.27 -26.60
CA THR C 411 55.24 1.02 -26.92
C THR C 411 56.10 0.97 -25.67
N LYS C 412 55.75 0.04 -24.80
CA LYS C 412 56.42 -0.21 -23.54
C LYS C 412 56.69 -1.75 -23.61
N VAL C 413 55.67 -2.63 -23.55
CA VAL C 413 55.98 -4.08 -23.61
C VAL C 413 56.71 -4.35 -24.94
N HIS C 414 57.02 -3.37 -25.77
CA HIS C 414 57.70 -3.77 -27.01
C HIS C 414 58.84 -3.05 -27.65
N THR C 415 59.12 -1.81 -27.30
CA THR C 415 60.20 -1.14 -27.99
C THR C 415 60.84 0.00 -27.22
N LEU C 418 40.09 -1.62 -16.96
CA LEU C 418 39.22 -0.49 -16.61
C LEU C 418 38.14 -0.24 -17.67
N SER C 419 36.92 0.04 -17.19
CA SER C 419 35.79 0.35 -18.04
C SER C 419 34.82 1.39 -17.52
N ARG C 420 33.73 1.53 -18.25
CA ARG C 420 32.72 2.52 -17.97
C ARG C 420 31.44 1.91 -17.40
N ASP C 421 30.97 2.46 -16.27
CA ASP C 421 29.75 1.99 -15.60
C ASP C 421 28.55 2.72 -16.17
N VAL C 422 28.14 2.27 -17.33
CA VAL C 422 27.05 2.87 -18.04
C VAL C 422 25.89 1.93 -18.18
N THR C 423 24.70 2.42 -17.85
CA THR C 423 23.48 1.64 -17.99
C THR C 423 22.34 2.43 -18.60
N THR C 424 21.39 1.67 -19.12
CA THR C 424 20.29 2.19 -19.89
C THR C 424 18.98 2.35 -19.08
N VAL C 425 18.12 3.32 -19.42
CA VAL C 425 16.82 3.50 -18.73
C VAL C 425 15.77 4.10 -19.59
N TRP C 426 14.53 3.64 -19.40
CA TRP C 426 13.36 4.12 -20.11
C TRP C 426 12.35 4.74 -19.15
N LYS C 427 12.01 6.00 -19.36
CA LYS C 427 11.06 6.64 -18.49
C LYS C 427 9.78 6.97 -19.21
N LEU C 428 8.64 6.74 -18.55
CA LEU C 428 7.33 7.09 -19.10
C LEU C 428 6.45 7.67 -18.00
N ARG C 429 5.51 8.46 -18.51
CA ARG C 429 4.53 9.19 -17.74
C ARG C 429 3.21 8.47 -17.64
N VAL C 430 2.90 8.08 -16.40
CA VAL C 430 1.71 7.34 -16.12
C VAL C 430 0.83 8.04 -15.14
N THR C 431 -0.42 7.63 -15.18
CA THR C 431 -1.46 8.15 -14.33
C THR C 431 -2.44 7.08 -13.89
N SER C 432 -2.87 7.26 -12.64
CA SER C 432 -3.84 6.41 -12.00
C SER C 432 -4.95 6.45 -13.02
N TYR C 433 -5.62 5.34 -13.24
CA TYR C 433 -6.69 5.31 -14.23
C TYR C 433 -7.71 6.41 -14.10
N LYS C 434 -8.97 6.03 -13.90
CA LYS C 434 -10.04 7.02 -13.81
C LYS C 434 -9.89 8.09 -12.72
N LYS C 435 -9.60 9.32 -13.14
CA LYS C 435 -9.47 10.50 -12.26
C LYS C 435 -8.38 11.49 -12.69
N LYS C 436 -8.08 12.44 -11.81
CA LYS C 436 -7.05 13.41 -12.10
C LYS C 436 -5.95 13.25 -11.03
N GLU C 437 -4.70 13.45 -11.45
CA GLU C 437 -3.56 13.32 -10.55
C GLU C 437 -2.29 14.01 -11.05
N LYS C 438 -1.24 14.02 -10.25
CA LYS C 438 -0.02 14.68 -10.67
C LYS C 438 0.88 13.89 -11.63
N SER C 439 0.30 12.93 -12.36
CA SER C 439 1.08 12.11 -13.31
C SER C 439 2.26 11.50 -12.57
N ALA C 440 2.72 10.37 -13.04
CA ALA C 440 3.82 9.80 -12.31
C ALA C 440 4.88 9.42 -13.29
N LEU C 441 6.13 9.53 -12.85
CA LEU C 441 7.20 9.17 -13.75
C LEU C 441 7.72 7.78 -13.44
N LEU C 442 7.38 6.84 -14.31
CA LEU C 442 7.83 5.49 -14.03
C LEU C 442 8.98 5.25 -14.96
N SER C 443 10.06 4.69 -14.37
CA SER C 443 11.34 4.38 -15.04
C SER C 443 11.77 2.92 -14.96
N ILE C 444 11.85 2.26 -16.10
CA ILE C 444 12.28 0.87 -16.19
C ILE C 444 13.77 0.84 -16.54
N TRP C 445 14.63 0.35 -15.67
CA TRP C 445 16.04 0.27 -16.04
C TRP C 445 16.26 -0.91 -16.96
N ARG C 446 17.50 -1.13 -17.36
CA ARG C 446 17.83 -2.21 -18.29
C ARG C 446 16.67 -2.58 -19.18
N PRO C 447 16.01 -1.60 -19.83
CA PRO C 447 14.87 -1.83 -20.74
C PRO C 447 14.96 -3.09 -21.59
N SER C 448 14.24 -3.19 -22.70
CA SER C 448 14.36 -4.43 -23.46
C SER C 448 13.83 -4.42 -24.88
N SER C 449 14.73 -4.70 -25.82
CA SER C 449 14.44 -4.76 -27.25
C SER C 449 12.99 -4.56 -27.71
N ASP C 450 12.09 -5.52 -27.39
CA ASP C 450 10.68 -5.48 -27.81
C ASP C 450 9.79 -4.55 -27.00
N LEU C 451 10.04 -4.55 -25.69
CA LEU C 451 9.31 -3.72 -24.76
C LEU C 451 9.07 -2.30 -25.23
N SER C 452 9.89 -1.79 -26.13
CA SER C 452 9.71 -0.42 -26.64
C SER C 452 8.37 -0.36 -27.34
N SER C 453 8.10 -1.46 -28.04
CA SER C 453 6.89 -1.63 -28.80
C SER C 453 5.79 -2.34 -28.03
N LEU C 454 5.90 -2.40 -26.71
CA LEU C 454 4.84 -3.04 -25.95
C LEU C 454 4.10 -2.04 -25.11
N LEU C 455 4.81 -1.29 -24.27
CA LEU C 455 4.12 -0.28 -23.49
C LEU C 455 4.07 0.94 -24.39
N THR C 456 2.88 1.41 -24.73
CA THR C 456 2.79 2.56 -25.60
C THR C 456 2.02 3.76 -25.02
N GLU C 457 1.87 4.81 -25.80
CA GLU C 457 1.19 5.98 -25.30
C GLU C 457 -0.29 5.82 -25.50
N GLY C 458 -1.09 6.13 -24.48
CA GLY C 458 -2.53 6.04 -24.62
C GLY C 458 -3.13 4.65 -24.45
N LYS C 459 -2.47 3.83 -23.63
CA LYS C 459 -2.93 2.48 -23.36
C LYS C 459 -3.11 2.29 -21.87
N ARG C 460 -3.81 1.23 -21.49
CA ARG C 460 -4.03 1.00 -20.08
C ARG C 460 -3.26 -0.19 -19.50
N TYR C 461 -2.71 0.01 -18.33
CA TYR C 461 -1.90 -1.02 -17.71
C TYR C 461 -2.05 -1.20 -16.20
N ARG C 462 -1.94 -2.44 -15.75
CA ARG C 462 -1.94 -2.69 -14.33
C ARG C 462 -0.47 -3.08 -14.21
N ILE C 463 0.28 -2.30 -13.44
CA ILE C 463 1.71 -2.58 -13.28
C ILE C 463 1.87 -3.19 -11.90
N TYR C 464 2.21 -4.47 -11.83
CA TYR C 464 2.36 -5.07 -10.51
C TYR C 464 3.75 -5.03 -9.96
N HIS C 465 3.89 -4.52 -8.74
CA HIS C 465 5.16 -4.40 -8.02
C HIS C 465 6.11 -3.35 -8.51
N LEU C 466 6.02 -2.16 -7.93
CA LEU C 466 6.87 -1.07 -8.35
C LEU C 466 7.36 -0.44 -7.08
N ALA C 467 8.66 -0.11 -7.01
CA ALA C 467 9.25 0.53 -5.83
C ALA C 467 8.94 2.01 -5.87
N VAL C 468 8.76 2.63 -4.73
CA VAL C 468 8.44 4.03 -4.78
C VAL C 468 9.45 4.86 -4.07
N SER C 469 9.81 5.97 -4.71
CA SER C 469 10.83 6.86 -4.19
C SER C 469 10.48 8.33 -4.42
N LYS C 470 11.27 9.23 -3.81
CA LYS C 470 11.08 10.67 -3.95
C LYS C 470 11.29 11.17 -5.41
N SER C 471 10.83 12.37 -5.72
CA SER C 471 10.97 12.85 -7.10
C SER C 471 12.33 13.32 -7.56
N LYS C 472 12.94 14.26 -6.82
CA LYS C 472 14.25 14.82 -7.15
C LYS C 472 14.54 14.93 -8.65
N SER C 473 14.15 16.06 -9.23
CA SER C 473 14.34 16.33 -10.65
C SER C 473 13.85 17.76 -10.86
N LYS C 474 14.77 18.71 -11.02
CA LYS C 474 14.41 20.11 -11.23
C LYS C 474 13.03 20.31 -11.88
N PHE C 475 12.71 19.42 -12.82
CA PHE C 475 11.48 19.48 -13.59
C PHE C 475 10.18 18.91 -13.01
N GLU C 476 10.20 18.43 -11.76
CA GLU C 476 9.00 17.86 -11.10
C GLU C 476 8.96 17.78 -9.58
N ARG C 477 10.01 18.26 -8.92
CA ARG C 477 10.14 18.27 -7.46
C ARG C 477 9.13 17.53 -6.55
N PRO C 478 7.90 18.08 -6.35
CA PRO C 478 6.99 17.32 -5.48
C PRO C 478 6.16 16.31 -6.26
N SER C 479 6.46 15.01 -6.07
CA SER C 479 5.79 13.90 -6.75
C SER C 479 6.49 12.62 -6.29
N ILE C 480 6.25 11.50 -6.95
CA ILE C 480 6.93 10.30 -6.54
C ILE C 480 7.49 9.55 -7.73
N GLN C 481 8.37 8.57 -7.49
CA GLN C 481 8.94 7.87 -8.61
C GLN C 481 8.58 6.41 -8.81
N LEU C 482 8.08 6.09 -9.99
CA LEU C 482 7.77 4.70 -10.17
C LEU C 482 8.94 4.05 -10.85
N THR C 483 9.47 3.04 -10.15
CA THR C 483 10.64 2.30 -10.55
C THR C 483 10.39 0.78 -10.61
N ALA C 484 10.29 0.19 -11.79
CA ALA C 484 10.07 -1.26 -11.89
C ALA C 484 11.21 -2.07 -11.26
N THR C 485 10.89 -3.30 -10.79
CA THR C 485 11.86 -4.24 -10.17
C THR C 485 11.81 -5.61 -10.85
N LYS C 486 12.67 -6.54 -10.40
CA LYS C 486 12.69 -7.86 -11.03
C LYS C 486 11.33 -8.48 -10.89
N ARG C 487 10.67 -8.12 -9.79
CA ARG C 487 9.32 -8.59 -9.47
C ARG C 487 8.28 -8.18 -10.52
N THR C 488 8.25 -6.88 -10.84
CA THR C 488 7.31 -6.29 -11.81
C THR C 488 6.73 -7.07 -12.98
N GLN C 489 5.50 -6.75 -13.33
CA GLN C 489 4.88 -7.41 -14.46
C GLN C 489 3.77 -6.50 -14.95
N TYR C 490 3.47 -6.60 -16.24
CA TYR C 490 2.49 -5.67 -16.78
C TYR C 490 1.31 -6.31 -17.46
N GLN C 491 0.17 -5.64 -17.31
CA GLN C 491 -1.06 -6.10 -17.90
C GLN C 491 -1.72 -4.98 -18.66
N GLN C 492 -2.09 -5.27 -19.90
CA GLN C 492 -2.77 -4.24 -20.66
C GLN C 492 -4.29 -4.50 -20.57
N LEU C 493 -5.02 -3.56 -19.99
CA LEU C 493 -6.46 -3.70 -19.84
C LEU C 493 -7.02 -2.78 -20.83
N PRO C 494 -8.24 -3.03 -21.31
CA PRO C 494 -8.93 -2.21 -22.32
C PRO C 494 -9.50 -0.89 -21.83
N VAL C 495 -9.92 -0.05 -22.77
CA VAL C 495 -10.51 1.23 -22.42
C VAL C 495 -11.48 1.75 -23.45
N SER C 496 -12.58 2.32 -22.96
CA SER C 496 -13.65 2.86 -23.78
C SER C 496 -13.33 4.22 -24.37
N SER C 497 -13.46 4.28 -25.71
CA SER C 497 -13.21 5.48 -26.49
C SER C 497 -13.58 6.76 -25.77
N GLU C 498 -14.60 6.69 -24.94
CA GLU C 498 -15.04 7.87 -24.22
C GLU C 498 -14.40 7.98 -22.86
N THR C 499 -14.10 6.85 -22.23
CA THR C 499 -13.44 6.90 -20.93
C THR C 499 -12.03 7.33 -21.25
N LEU C 500 -11.63 7.04 -22.48
CA LEU C 500 -10.31 7.38 -23.00
C LEU C 500 -10.17 8.89 -22.98
N LEU C 501 -10.81 9.50 -23.98
CA LEU C 501 -10.85 10.96 -24.18
C LEU C 501 -11.06 11.80 -22.90
N GLN C 502 -11.21 11.13 -21.76
CA GLN C 502 -11.44 11.85 -20.52
C GLN C 502 -10.19 11.94 -19.70
N VAL C 503 -9.55 10.80 -19.54
CA VAL C 503 -8.34 10.65 -18.77
C VAL C 503 -7.09 11.11 -19.51
N TYR C 504 -6.88 10.51 -20.68
CA TYR C 504 -5.76 10.76 -21.56
C TYR C 504 -5.54 12.21 -21.97
N GLN C 505 -4.82 12.36 -23.07
CA GLN C 505 -4.45 13.66 -23.64
C GLN C 505 -3.29 13.29 -24.56
N PRO C 506 -3.59 12.93 -25.82
CA PRO C 506 -2.49 12.58 -26.68
C PRO C 506 -1.56 13.76 -26.84
N ARG C 507 -0.51 13.55 -27.59
CA ARG C 507 0.42 14.61 -27.85
C ARG C 507 -0.16 15.48 -28.95
N GLU C 508 0.15 16.77 -28.92
CA GLU C 508 -0.25 17.68 -30.01
C GLU C 508 0.71 18.85 -30.12
N SER C 509 0.99 19.26 -31.37
CA SER C 509 1.92 20.36 -31.66
C SER C 509 1.45 21.76 -31.26
N LEU C 510 1.97 22.28 -30.17
CA LEU C 510 1.59 23.61 -29.66
C LEU C 510 1.35 24.66 -30.74
N HIS C 511 0.49 25.63 -30.43
CA HIS C 511 0.15 26.66 -31.41
C HIS C 511 1.05 27.86 -31.56
N PHE C 512 1.88 28.11 -30.56
CA PHE C 512 2.82 29.24 -30.57
C PHE C 512 2.15 30.40 -29.89
N SER C 513 1.04 30.80 -30.48
CA SER C 513 0.26 31.89 -29.96
C SER C 513 0.24 31.73 -28.44
N ARG C 514 -0.41 30.65 -27.99
CA ARG C 514 -0.56 30.37 -26.58
C ARG C 514 0.60 30.78 -25.72
N LEU C 515 1.80 30.46 -26.15
CA LEU C 515 2.99 30.76 -25.38
C LEU C 515 3.20 32.18 -24.85
N SER C 516 2.55 33.16 -25.47
CA SER C 516 2.64 34.57 -25.07
C SER C 516 1.75 34.79 -23.84
N ASP C 517 0.53 34.25 -23.96
CA ASP C 517 -0.54 34.28 -22.97
C ASP C 517 -0.02 33.78 -21.61
N PRO C 518 -0.46 34.39 -20.50
CA PRO C 518 0.01 33.93 -19.20
C PRO C 518 -0.93 32.88 -18.61
N ALA C 519 -1.92 32.49 -19.40
CA ALA C 519 -2.91 31.49 -18.99
C ALA C 519 -2.57 30.09 -19.48
N PHE C 520 -1.34 29.91 -19.92
CA PHE C 520 -0.96 28.60 -20.41
C PHE C 520 -0.19 27.81 -19.37
N GLN C 521 -0.94 27.07 -18.56
CA GLN C 521 -0.34 26.22 -17.55
C GLN C 521 -0.69 24.82 -18.04
N PRO C 522 0.06 24.35 -19.04
CA PRO C 522 -0.10 23.05 -19.69
C PRO C 522 0.28 21.90 -18.78
N PRO C 523 0.34 20.69 -19.35
CA PRO C 523 0.72 19.53 -18.54
C PRO C 523 2.19 19.51 -18.12
N CYS C 524 2.41 19.60 -16.81
CA CYS C 524 3.75 19.53 -16.22
C CYS C 524 4.80 20.38 -16.91
N SER C 525 4.38 21.05 -17.97
CA SER C 525 5.21 21.97 -18.73
C SER C 525 5.87 21.52 -20.04
N GLU C 526 5.64 20.30 -20.50
CA GLU C 526 6.26 19.89 -21.75
C GLU C 526 5.43 20.29 -22.96
N VAL C 527 6.07 20.46 -24.10
CA VAL C 527 5.39 20.80 -25.34
C VAL C 527 6.14 20.21 -26.55
N ASP C 528 5.45 20.17 -27.70
CA ASP C 528 6.05 19.67 -28.93
C ASP C 528 5.78 20.74 -29.92
N VAL C 529 6.60 20.86 -30.96
CA VAL C 529 6.42 21.94 -31.92
C VAL C 529 7.01 21.77 -33.29
N VAL C 530 6.53 22.60 -34.21
CA VAL C 530 7.08 22.60 -35.55
C VAL C 530 7.16 24.03 -36.01
N GLY C 531 8.23 24.33 -36.73
CA GLY C 531 8.48 25.65 -37.25
C GLY C 531 9.70 25.58 -38.15
N VAL C 532 10.08 26.74 -38.69
CA VAL C 532 11.24 26.79 -39.56
C VAL C 532 12.26 27.60 -38.82
N VAL C 533 13.50 27.15 -38.94
CA VAL C 533 14.65 27.76 -38.30
C VAL C 533 14.97 29.13 -38.89
N VAL C 534 14.99 30.19 -38.11
CA VAL C 534 15.29 31.46 -38.74
C VAL C 534 16.66 31.95 -38.42
N SER C 535 17.21 31.52 -37.29
CA SER C 535 18.54 31.96 -36.87
C SER C 535 19.10 31.11 -35.75
N VAL C 536 20.40 30.81 -35.79
CA VAL C 536 21.01 30.01 -34.74
C VAL C 536 22.14 30.70 -33.98
N VAL C 537 21.82 31.44 -32.93
CA VAL C 537 22.82 32.14 -32.14
C VAL C 537 23.45 31.10 -31.27
N LYS C 538 24.78 31.00 -31.29
CA LYS C 538 25.43 30.03 -30.45
C LYS C 538 26.70 30.59 -29.86
N PRO C 539 26.57 31.56 -28.96
CA PRO C 539 27.70 32.21 -28.30
C PRO C 539 28.54 31.27 -27.47
N ILE C 540 29.84 31.54 -27.36
CA ILE C 540 30.72 30.75 -26.53
C ILE C 540 30.50 31.35 -25.14
N GLY C 541 29.94 30.52 -24.29
CA GLY C 541 29.54 30.88 -22.93
C GLY C 541 28.23 30.10 -23.04
N LEU C 542 28.43 29.02 -23.78
CA LEU C 542 27.49 27.97 -24.17
C LEU C 542 26.00 28.19 -24.11
N ALA C 543 25.28 27.13 -24.49
CA ALA C 543 23.85 27.08 -24.47
C ALA C 543 23.32 27.86 -25.62
N PRO C 544 23.38 27.29 -26.82
CA PRO C 544 22.91 27.87 -28.07
C PRO C 544 21.41 28.09 -28.07
N LEU C 545 20.96 29.00 -28.93
CA LEU C 545 19.55 29.30 -29.05
C LEU C 545 19.23 29.10 -30.49
N VAL C 546 18.01 28.70 -30.76
CA VAL C 546 17.63 28.55 -32.13
C VAL C 546 16.29 29.22 -32.24
N TYR C 547 16.15 30.21 -33.10
CA TYR C 547 14.85 30.83 -33.24
C TYR C 547 14.08 30.19 -34.37
N LEU C 548 12.86 29.75 -34.07
CA LEU C 548 12.06 29.20 -35.13
C LEU C 548 10.90 30.14 -35.18
N SER C 549 10.16 30.05 -36.28
CA SER C 549 8.97 30.84 -36.50
C SER C 549 7.96 29.92 -37.16
N ASP C 550 6.67 30.21 -36.98
CA ASP C 550 5.64 29.42 -37.64
C ASP C 550 5.19 30.13 -38.92
N GLU C 551 4.15 29.61 -39.58
CA GLU C 551 3.67 30.23 -40.82
C GLU C 551 3.13 31.65 -40.62
N CYS C 552 2.86 32.02 -39.37
CA CYS C 552 2.31 33.35 -39.05
C CYS C 552 3.36 34.28 -38.52
N LEU C 553 4.60 33.82 -38.52
CA LEU C 553 5.71 34.64 -38.05
C LEU C 553 5.71 34.98 -36.57
N ASN C 554 5.52 33.95 -35.75
CA ASN C 554 5.55 34.12 -34.31
C ASN C 554 6.86 33.43 -33.99
N LEU C 555 7.64 33.97 -33.08
CA LEU C 555 8.91 33.31 -32.81
C LEU C 555 8.98 32.80 -31.42
N LEU C 556 9.98 31.97 -31.17
CA LEU C 556 10.23 31.42 -29.85
C LEU C 556 11.68 30.98 -29.94
N VAL C 557 12.35 30.88 -28.80
CA VAL C 557 13.73 30.42 -28.83
C VAL C 557 13.76 29.16 -28.05
N VAL C 558 14.67 28.29 -28.42
CA VAL C 558 14.79 27.01 -27.79
C VAL C 558 16.15 26.94 -27.17
N LYS C 559 16.27 27.21 -25.87
CA LYS C 559 17.60 27.13 -25.26
C LYS C 559 17.98 25.66 -25.26
N PHE C 560 19.19 25.35 -25.71
CA PHE C 560 19.67 23.98 -25.79
C PHE C 560 20.50 23.50 -24.66
N GLY C 561 20.10 22.40 -24.06
CA GLY C 561 20.88 21.88 -22.96
C GLY C 561 21.79 20.81 -23.50
N ILE C 562 21.73 20.57 -24.80
CA ILE C 562 22.57 19.56 -25.40
C ILE C 562 23.20 20.09 -26.65
N ASP C 563 23.71 19.19 -27.50
CA ASP C 563 24.35 19.63 -28.71
C ASP C 563 23.41 19.55 -29.91
N LEU C 564 23.44 20.61 -30.72
CA LEU C 564 22.59 20.75 -31.88
C LEU C 564 22.48 19.63 -32.89
N ASN C 565 21.48 18.77 -32.70
CA ASN C 565 21.16 17.61 -33.56
C ASN C 565 21.66 17.78 -34.99
N GLU C 566 22.11 18.99 -35.30
CA GLU C 566 22.62 19.34 -36.60
C GLU C 566 21.46 19.32 -37.57
N ASP C 567 21.74 19.50 -38.87
CA ASP C 567 20.68 19.56 -39.87
C ASP C 567 20.00 20.90 -39.55
N ILE C 568 20.31 21.40 -38.36
CA ILE C 568 19.76 22.63 -37.84
C ILE C 568 20.50 23.88 -38.31
N LYS C 569 20.20 24.22 -39.55
CA LYS C 569 20.70 25.40 -40.22
C LYS C 569 19.38 26.15 -40.49
N PRO C 570 19.43 27.47 -40.56
CA PRO C 570 18.18 28.16 -40.80
C PRO C 570 17.53 27.72 -42.09
N ARG C 571 16.30 28.16 -42.30
CA ARG C 571 15.53 27.85 -43.49
C ARG C 571 15.12 26.40 -43.46
N VAL C 572 15.30 25.77 -42.31
CA VAL C 572 14.94 24.39 -42.26
C VAL C 572 13.69 24.10 -41.47
N LEU C 573 12.91 23.18 -42.01
CA LEU C 573 11.67 22.76 -41.41
C LEU C 573 12.11 21.90 -40.26
N ILE C 574 11.61 22.19 -39.06
CA ILE C 574 11.99 21.42 -37.87
C ILE C 574 10.87 20.98 -36.94
N ALA C 575 11.03 19.80 -36.34
CA ALA C 575 10.01 19.28 -35.42
C ALA C 575 10.59 18.84 -34.07
N ALA C 576 10.42 19.68 -33.07
CA ALA C 576 10.98 19.37 -31.76
C ALA C 576 9.99 18.59 -30.97
N SER C 577 10.46 17.68 -30.13
CA SER C 577 9.58 16.87 -29.31
C SER C 577 10.08 16.83 -27.87
N ASN C 578 9.20 17.08 -26.91
CA ASN C 578 9.58 17.03 -25.50
C ASN C 578 10.34 18.22 -24.97
N LEU C 579 9.97 19.41 -25.40
CA LEU C 579 10.70 20.57 -24.92
C LEU C 579 10.12 21.04 -23.65
N GLN C 580 10.97 21.41 -22.71
CA GLN C 580 10.49 21.92 -21.43
C GLN C 580 10.00 23.32 -21.69
N CYS C 581 9.19 23.85 -20.79
CA CYS C 581 8.68 25.20 -20.93
C CYS C 581 9.56 26.03 -20.07
N GLN C 582 9.56 27.32 -20.33
CA GLN C 582 10.36 28.19 -19.55
C GLN C 582 9.72 29.56 -19.60
N PRO C 583 9.97 30.35 -18.55
CA PRO C 583 9.45 31.71 -18.39
C PRO C 583 9.49 32.56 -19.69
N GLU C 584 10.65 33.11 -20.01
CA GLU C 584 10.84 33.96 -21.20
C GLU C 584 12.33 34.01 -21.51
N SER C 585 12.74 34.90 -22.42
CA SER C 585 14.15 35.03 -22.79
C SER C 585 14.38 36.35 -23.53
N THR C 586 14.79 36.22 -24.80
CA THR C 586 15.06 37.36 -25.68
C THR C 586 13.93 38.42 -25.62
N SER C 587 14.13 39.36 -24.70
CA SER C 587 13.21 40.46 -24.47
C SER C 587 12.06 40.42 -25.46
N GLY C 588 10.97 39.76 -25.05
CA GLY C 588 9.83 39.66 -25.92
C GLY C 588 9.55 38.22 -26.28
N VAL C 589 10.47 37.59 -27.02
CA VAL C 589 10.23 36.20 -27.41
C VAL C 589 10.39 35.16 -26.28
N PRO C 590 9.43 34.22 -26.20
CA PRO C 590 9.31 33.11 -25.27
C PRO C 590 10.35 32.04 -25.46
N THR C 591 10.52 31.20 -24.45
CA THR C 591 11.51 30.17 -24.53
C THR C 591 11.02 28.76 -24.32
N LEU C 592 11.88 27.83 -24.61
CA LEU C 592 11.57 26.43 -24.46
C LEU C 592 12.94 25.83 -24.27
N PHE C 593 13.09 24.98 -23.25
CA PHE C 593 14.35 24.32 -23.04
C PHE C 593 14.44 22.97 -23.75
N ALA C 594 15.64 22.64 -24.25
CA ALA C 594 15.87 21.36 -24.94
C ALA C 594 16.61 20.34 -24.06
N CYS C 595 15.85 19.34 -23.64
CA CYS C 595 16.27 18.28 -22.72
C CYS C 595 17.08 17.15 -23.29
N HIS C 596 17.51 16.30 -22.37
CA HIS C 596 18.21 15.08 -22.68
C HIS C 596 17.12 14.26 -23.31
N PHE C 597 15.90 14.60 -22.93
CA PHE C 597 14.75 13.92 -23.42
C PHE C 597 14.20 14.57 -24.67
N SER C 598 14.79 15.71 -25.03
CA SER C 598 14.38 16.46 -26.24
C SER C 598 14.62 15.69 -27.52
N ILE C 599 13.97 16.13 -28.58
CA ILE C 599 14.09 15.49 -29.88
C ILE C 599 13.91 16.49 -31.03
N PHE C 600 14.62 16.28 -32.13
CA PHE C 600 14.44 17.13 -33.27
C PHE C 600 14.53 16.30 -34.51
N SER C 601 13.91 16.78 -35.57
CA SER C 601 13.91 16.07 -36.85
C SER C 601 13.58 17.04 -37.96
N ALA C 602 14.16 16.77 -39.13
CA ALA C 602 13.94 17.59 -40.30
C ALA C 602 12.96 16.86 -41.21
N SER C 603 12.56 15.67 -40.78
CA SER C 603 11.62 14.84 -41.53
C SER C 603 10.89 14.00 -40.51
N PRO C 604 9.78 14.54 -39.95
CA PRO C 604 8.90 13.92 -38.94
C PRO C 604 7.87 12.96 -39.52
N LYS C 605 7.63 11.87 -38.79
CA LYS C 605 6.69 10.82 -39.19
C LYS C 605 5.43 10.81 -38.30
N GLU C 606 5.62 11.22 -37.05
CA GLU C 606 4.53 11.28 -36.09
C GLU C 606 3.44 12.16 -36.70
N ALA C 607 2.24 11.60 -36.82
CA ALA C 607 1.10 12.30 -37.39
C ALA C 607 0.73 13.64 -36.76
N TYR C 608 0.76 13.71 -35.43
CA TYR C 608 0.37 14.95 -34.76
C TYR C 608 1.08 16.20 -35.21
N PHE C 609 2.10 16.07 -36.05
CA PHE C 609 2.84 17.23 -36.52
C PHE C 609 2.22 17.74 -37.80
N GLN C 610 2.19 16.88 -38.83
CA GLN C 610 1.64 17.24 -40.13
C GLN C 610 0.55 18.34 -40.16
N GLU C 611 -0.53 18.19 -39.41
CA GLU C 611 -1.56 19.22 -39.47
C GLU C 611 -0.95 20.62 -39.36
N LYS C 612 0.24 20.72 -38.75
CA LYS C 612 0.91 22.01 -38.58
C LYS C 612 2.17 22.12 -39.44
N VAL C 613 2.70 20.97 -39.84
CA VAL C 613 3.92 20.87 -40.65
C VAL C 613 3.64 21.30 -42.06
N ASN C 614 2.80 20.55 -42.75
CA ASN C 614 2.49 20.91 -44.12
C ASN C 614 1.63 22.17 -44.09
N ASN C 615 1.13 22.53 -42.90
CA ASN C 615 0.35 23.75 -42.79
C ASN C 615 1.45 24.80 -42.91
N LEU C 616 2.61 24.44 -42.34
CA LEU C 616 3.78 25.30 -42.37
C LEU C 616 4.41 25.25 -43.75
N LYS C 617 4.48 24.05 -44.30
CA LYS C 617 5.02 23.87 -45.61
C LYS C 617 4.42 24.92 -46.52
N HIS C 618 3.15 25.28 -46.30
CA HIS C 618 2.52 26.29 -47.15
C HIS C 618 3.30 27.61 -47.29
N ALA C 619 3.35 28.42 -46.25
CA ALA C 619 4.10 29.66 -46.35
C ALA C 619 5.53 29.34 -46.87
N ILE C 620 6.17 28.33 -46.30
CA ILE C 620 7.53 27.90 -46.68
C ILE C 620 7.68 27.88 -48.18
N GLU C 621 6.99 26.92 -48.80
CA GLU C 621 6.98 26.71 -50.24
C GLU C 621 6.34 27.90 -50.96
N ASN C 622 5.30 28.46 -50.34
CA ASN C 622 4.60 29.62 -50.89
C ASN C 622 5.62 30.50 -51.62
N ILE C 623 6.53 31.10 -50.86
CA ILE C 623 7.57 31.96 -51.40
C ILE C 623 8.93 31.63 -50.77
N ASP C 624 9.72 32.68 -50.58
CA ASP C 624 11.04 32.64 -49.95
C ASP C 624 10.99 33.88 -49.07
N THR C 625 10.23 34.86 -49.57
CA THR C 625 10.01 36.12 -48.90
C THR C 625 9.44 35.89 -47.50
N PHE C 626 9.49 34.64 -47.08
CA PHE C 626 9.06 34.22 -45.75
C PHE C 626 10.35 34.11 -44.95
N TYR C 627 11.25 33.29 -45.48
CA TYR C 627 12.55 33.07 -44.88
C TYR C 627 13.16 34.45 -44.66
N LYS C 628 12.53 35.45 -45.28
CA LYS C 628 12.96 36.84 -45.26
C LYS C 628 12.09 37.72 -44.38
N GLU C 629 10.79 37.45 -44.38
CA GLU C 629 9.86 38.24 -43.58
C GLU C 629 10.26 37.93 -42.15
N ALA C 630 10.73 36.68 -41.97
CA ALA C 630 11.19 36.17 -40.68
C ALA C 630 12.24 37.07 -40.07
N GLU C 631 13.35 37.25 -40.79
CA GLU C 631 14.44 38.09 -40.30
C GLU C 631 13.86 39.40 -39.82
N LYS C 632 13.28 40.10 -40.78
CA LYS C 632 12.68 41.40 -40.55
C LYS C 632 12.14 41.45 -39.12
N LYS C 633 11.20 40.55 -38.85
CA LYS C 633 10.55 40.42 -37.56
C LYS C 633 11.51 40.29 -36.39
N LEU C 634 12.35 39.25 -36.44
CA LEU C 634 13.31 38.99 -35.40
C LEU C 634 14.00 40.30 -35.22
N ILE C 635 14.81 40.65 -36.19
CA ILE C 635 15.55 41.88 -36.09
C ILE C 635 14.70 42.95 -35.48
N HIS C 636 13.46 43.03 -35.95
CA HIS C 636 12.56 44.05 -35.46
C HIS C 636 12.33 43.91 -33.97
N VAL C 637 11.78 42.76 -33.60
CA VAL C 637 11.51 42.45 -32.20
C VAL C 637 12.77 42.77 -31.43
N LEU C 638 13.75 41.98 -31.79
CA LEU C 638 15.05 41.99 -31.23
C LEU C 638 15.65 43.35 -30.90
N GLU C 639 15.34 44.35 -31.73
CA GLU C 639 15.88 45.71 -31.57
C GLU C 639 14.88 46.75 -31.06
N GLY C 640 13.62 46.35 -30.93
CA GLY C 640 12.63 47.26 -30.42
C GLY C 640 12.13 48.30 -31.37
N ASP C 641 10.92 48.80 -31.08
CA ASP C 641 10.18 49.81 -31.85
C ASP C 641 10.89 51.01 -32.44
N SER C 642 11.65 51.73 -31.62
CA SER C 642 12.35 52.92 -32.10
C SER C 642 13.71 53.12 -31.45
N PRO C 643 14.72 52.37 -31.88
CA PRO C 643 16.07 52.50 -31.32
C PRO C 643 16.72 53.67 -32.03
N LYS C 644 17.94 54.04 -31.61
CA LYS C 644 18.67 55.15 -32.23
C LYS C 644 18.90 54.85 -33.72
N TRP C 645 17.81 54.94 -34.49
CA TRP C 645 17.77 54.64 -35.92
C TRP C 645 19.09 54.88 -36.67
#